data_6GMA
#
_entry.id   6GMA
#
_cell.length_a   92.045
_cell.length_b   187.166
_cell.length_c   55.343
_cell.angle_alpha   90.000
_cell.angle_beta   90.000
_cell.angle_gamma   90.000
#
_symmetry.space_group_name_H-M   'P 21 21 2'
#
_entity_poly.entity_id   1
_entity_poly.type   'polypeptide(L)'
_entity_poly.pdbx_seq_one_letter_code
;GAARIMLLERTLQLKEEENKRLNQRLMSQSMSSVSSRHSEKIAIRDFQVGDLVLIILDERHDNYVLFTVSPTLYFLHSES
LPALDLKPGEGASGASRRPWVLGKVMEKEYCQAKKAQNRFKVPLGTKFYRVKAVSWNKKV
;
_entity_poly.pdbx_strand_id   A,B,C,D,E,F
#
# COMPACT_ATOMS: atom_id res chain seq x y z
N GLY A 1 25.57 7.94 -28.91
CA GLY A 1 25.08 9.29 -29.14
C GLY A 1 25.22 10.20 -27.94
N ALA A 2 26.32 10.02 -27.20
CA ALA A 2 26.58 10.86 -26.03
C ALA A 2 26.67 12.33 -26.43
N ALA A 3 27.27 12.61 -27.59
CA ALA A 3 27.35 13.99 -28.05
C ALA A 3 25.97 14.57 -28.30
N ARG A 4 25.08 13.77 -28.90
CA ARG A 4 23.71 14.23 -29.12
C ARG A 4 22.98 14.46 -27.80
N ILE A 5 23.17 13.55 -26.83
CA ILE A 5 22.51 13.72 -25.54
C ILE A 5 22.99 14.99 -24.85
N MET A 6 24.30 15.26 -24.89
CA MET A 6 24.83 16.47 -24.27
C MET A 6 24.36 17.73 -24.99
N LEU A 7 24.28 17.68 -26.33
CA LEU A 7 23.76 18.82 -27.07
C LEU A 7 22.32 19.12 -26.67
N LEU A 8 21.51 18.07 -26.51
CA LEU A 8 20.13 18.26 -26.07
C LEU A 8 20.08 18.76 -24.64
N GLU A 9 20.99 18.31 -23.79
CA GLU A 9 21.01 18.81 -22.41
C GLU A 9 21.33 20.30 -22.39
N ARG A 10 22.31 20.74 -23.20
CA ARG A 10 22.64 22.16 -23.28
C ARG A 10 21.49 22.98 -23.83
N THR A 11 20.86 22.51 -24.90
CA THR A 11 19.74 23.27 -25.49
C THR A 11 18.56 23.34 -24.53
N LEU A 12 18.29 22.25 -23.80
CA LEU A 12 17.22 22.24 -22.82
C LEU A 12 17.53 23.17 -21.66
N GLN A 13 18.79 23.17 -21.20
CA GLN A 13 19.22 24.06 -20.15
C GLN A 13 19.07 25.52 -20.56
N LEU A 14 19.44 25.85 -21.80
CA LEU A 14 19.28 27.21 -22.31
C LEU A 14 17.82 27.61 -22.37
N LYS A 15 16.95 26.74 -22.89
CA LYS A 15 15.53 27.07 -22.97
C LYS A 15 14.91 27.24 -21.58
N GLU A 16 15.30 26.39 -20.62
CA GLU A 16 14.76 26.54 -19.28
C GLU A 16 15.26 27.82 -18.63
N GLU A 17 16.51 28.20 -18.89
CA GLU A 17 17.00 29.47 -18.38
C GLU A 17 16.23 30.64 -18.97
N GLU A 18 15.93 30.59 -20.27
CA GLU A 18 15.10 31.64 -20.87
C GLU A 18 13.73 31.68 -20.22
N ASN A 19 13.13 30.51 -19.98
CA ASN A 19 11.81 30.46 -19.36
C ASN A 19 11.84 31.01 -17.94
N LYS A 20 12.87 30.67 -17.17
CA LYS A 20 12.99 31.16 -15.80
C LYS A 20 13.21 32.67 -15.78
N ARG A 21 14.01 33.18 -16.71
CA ARG A 21 14.21 34.62 -16.81
C ARG A 21 12.89 35.32 -17.13
N LEU A 22 12.10 34.74 -18.03
CA LEU A 22 10.80 35.32 -18.34
C LEU A 22 9.87 35.27 -17.12
N ASN A 23 9.94 34.18 -16.35
CA ASN A 23 9.14 34.07 -15.13
C ASN A 23 9.54 35.12 -14.09
N GLN A 24 10.85 35.35 -13.93
CA GLN A 24 11.29 36.40 -13.03
C GLN A 24 10.85 37.77 -13.52
N ARG A 25 10.86 38.00 -14.83
CA ARG A 25 10.35 39.26 -15.36
C ARG A 25 8.86 39.40 -15.06
N LEU A 26 8.11 38.30 -15.18
CA LEU A 26 6.69 38.33 -14.87
C LEU A 26 6.46 38.64 -13.40
N MET A 27 7.26 38.05 -12.51
CA MET A 27 7.11 38.32 -11.09
C MET A 27 7.46 39.77 -10.78
N SER A 28 8.49 40.31 -11.42
CA SER A 28 8.85 41.71 -11.19
C SER A 28 7.75 42.64 -11.70
N GLN A 29 7.17 42.30 -12.84
CA GLN A 29 6.04 43.07 -13.38
C GLN A 29 4.84 42.99 -12.46
N SER A 30 4.58 41.81 -11.90
CA SER A 30 3.45 41.64 -10.99
C SER A 30 3.68 42.42 -9.71
N MET A 31 4.92 42.47 -9.24
CA MET A 31 5.22 43.22 -8.02
C MET A 31 5.12 44.72 -8.27
N SER A 32 5.60 45.18 -9.43
CA SER A 32 5.44 46.59 -9.79
C SER A 32 3.99 46.98 -9.96
N SER A 33 3.11 46.01 -10.22
CA SER A 33 1.68 46.30 -10.37
C SER A 33 1.08 46.75 -9.05
N VAL A 34 -0.02 47.51 -9.16
CA VAL A 34 -0.64 48.09 -7.98
C VAL A 34 -1.39 47.03 -7.19
N SER A 35 -1.28 47.09 -5.86
CA SER A 35 -2.00 46.20 -4.94
C SER A 35 -1.68 44.73 -5.21
N GLU A 40 -15.26 48.17 -2.81
CA GLU A 40 -16.21 48.53 -3.86
C GLU A 40 -16.42 50.04 -3.90
N LYS A 41 -17.21 50.49 -4.87
CA LYS A 41 -17.42 51.92 -5.10
C LYS A 41 -18.89 52.21 -5.33
N ILE A 42 -19.30 53.45 -5.03
CA ILE A 42 -20.69 53.89 -5.19
C ILE A 42 -20.73 54.97 -6.24
N ALA A 43 -21.72 54.90 -7.11
CA ALA A 43 -21.90 55.93 -8.11
C ALA A 43 -22.75 57.06 -7.56
N ILE A 44 -22.30 58.29 -7.82
CA ILE A 44 -22.92 59.51 -7.27
C ILE A 44 -23.55 60.43 -8.31
N ARG A 45 -22.99 60.47 -9.52
CA ARG A 45 -23.34 61.46 -10.55
C ARG A 45 -24.22 60.92 -11.68
N ASP A 46 -23.67 60.23 -12.69
CA ASP A 46 -24.49 59.72 -13.80
C ASP A 46 -24.65 58.21 -13.65
N PHE A 47 -25.84 57.79 -13.24
CA PHE A 47 -26.05 56.38 -12.93
C PHE A 47 -26.41 55.58 -14.16
N GLN A 48 -25.74 54.44 -14.31
CA GLN A 48 -25.99 53.49 -15.37
C GLN A 48 -26.28 52.17 -14.70
N VAL A 49 -26.95 51.28 -15.45
CA VAL A 49 -27.39 50.02 -14.87
C VAL A 49 -26.20 49.25 -14.30
N GLY A 50 -26.41 48.63 -13.15
CA GLY A 50 -25.40 47.86 -12.47
C GLY A 50 -24.54 48.61 -11.49
N ASP A 51 -24.74 49.91 -11.32
CA ASP A 51 -23.96 50.69 -10.37
C ASP A 51 -24.49 50.52 -8.95
N LEU A 52 -23.56 50.61 -7.99
CA LEU A 52 -23.92 50.55 -6.58
C LEU A 52 -24.24 51.97 -6.10
N VAL A 53 -25.45 52.17 -5.60
CA VAL A 53 -25.92 53.48 -5.20
C VAL A 53 -26.35 53.43 -3.75
N LEU A 54 -26.48 54.62 -3.15
CA LEU A 54 -26.86 54.78 -1.76
C LEU A 54 -28.26 55.37 -1.71
N ILE A 55 -29.24 54.55 -1.37
CA ILE A 55 -30.63 54.99 -1.27
C ILE A 55 -30.86 55.55 0.14
N ILE A 56 -31.25 56.81 0.23
CA ILE A 56 -31.53 57.44 1.51
C ILE A 56 -32.96 57.96 1.52
N LEU A 57 -33.51 58.20 2.70
CA LEU A 57 -34.85 58.76 2.78
C LEU A 57 -34.80 60.27 2.58
N ASP A 58 -35.64 60.79 1.68
CA ASP A 58 -35.82 62.23 1.49
C ASP A 58 -37.06 62.66 2.26
N GLU A 59 -36.96 63.76 3.01
CA GLU A 59 -38.09 64.17 3.83
C GLU A 59 -39.03 65.15 3.13
N ARG A 60 -38.47 66.10 2.35
CA ARG A 60 -39.31 67.03 1.61
C ARG A 60 -40.20 66.30 0.61
N HIS A 61 -39.60 65.47 -0.25
CA HIS A 61 -40.36 64.59 -1.13
C HIS A 61 -40.53 63.24 -0.45
N ASP A 62 -41.77 62.74 -0.42
CA ASP A 62 -42.10 61.56 0.39
C ASP A 62 -41.62 60.28 -0.28
N ASN A 63 -40.30 60.17 -0.46
CA ASN A 63 -39.76 59.03 -1.18
C ASN A 63 -38.31 58.80 -0.79
N TYR A 64 -37.79 57.66 -1.22
CA TYR A 64 -36.38 57.35 -1.12
C TYR A 64 -35.70 57.80 -2.41
N VAL A 65 -34.50 58.35 -2.29
CA VAL A 65 -33.79 58.91 -3.43
C VAL A 65 -32.38 58.37 -3.43
N LEU A 66 -31.84 58.18 -4.62
CA LEU A 66 -30.43 57.81 -4.74
C LEU A 66 -29.61 59.03 -4.35
N PHE A 67 -28.50 58.83 -3.63
CA PHE A 67 -27.71 59.99 -3.25
C PHE A 67 -27.06 60.56 -4.48
N THR A 68 -27.24 61.85 -4.68
CA THR A 68 -26.78 62.48 -5.90
C THR A 68 -26.47 63.88 -5.45
N VAL A 69 -25.36 64.42 -5.95
CA VAL A 69 -24.96 65.75 -5.52
C VAL A 69 -24.99 66.50 -6.84
N SER A 70 -26.12 66.34 -7.52
CA SER A 70 -26.42 66.80 -8.86
C SER A 70 -27.87 67.24 -8.88
N PRO A 71 -28.20 68.24 -9.69
CA PRO A 71 -29.56 68.81 -9.70
C PRO A 71 -30.66 67.82 -10.03
N THR A 72 -30.42 66.88 -10.94
CA THR A 72 -31.46 65.92 -11.31
C THR A 72 -31.75 65.00 -10.13
N LEU A 73 -33.04 64.72 -9.92
CA LEU A 73 -33.48 63.84 -8.84
C LEU A 73 -33.72 62.43 -9.35
N TYR A 74 -33.14 61.45 -8.66
CA TYR A 74 -33.32 60.04 -8.96
C TYR A 74 -34.12 59.42 -7.83
N PHE A 75 -35.39 59.14 -8.07
CA PHE A 75 -36.24 58.54 -7.06
C PHE A 75 -36.17 57.02 -7.14
N LEU A 76 -36.59 56.38 -6.05
CA LEU A 76 -36.65 54.93 -6.01
C LEU A 76 -38.06 54.50 -6.44
N HIS A 77 -38.12 53.35 -7.10
CA HIS A 77 -39.36 52.89 -7.69
C HIS A 77 -40.29 52.37 -6.61
N SER A 78 -41.59 52.65 -6.77
CA SER A 78 -42.55 52.26 -5.75
C SER A 78 -42.61 50.74 -5.60
N GLU A 79 -42.53 50.02 -6.72
CA GLU A 79 -42.55 48.56 -6.66
C GLU A 79 -41.23 47.98 -6.18
N SER A 80 -40.11 48.63 -6.48
CA SER A 80 -38.81 48.16 -6.00
C SER A 80 -38.60 48.43 -4.52
N LEU A 81 -39.34 49.38 -3.95
CA LEU A 81 -39.16 49.75 -2.54
C LEU A 81 -39.32 48.56 -1.60
N PRO A 82 -40.43 47.79 -1.62
CA PRO A 82 -40.56 46.70 -0.65
C PRO A 82 -39.60 45.55 -0.88
N ALA A 83 -39.02 45.42 -2.07
CA ALA A 83 -38.15 44.28 -2.36
C ALA A 83 -36.88 44.31 -1.53
N LEU A 84 -36.35 45.50 -1.22
CA LEU A 84 -35.12 45.64 -0.45
C LEU A 84 -35.39 45.97 1.02
N ASP A 85 -36.49 45.45 1.57
CA ASP A 85 -36.85 45.59 2.98
C ASP A 85 -36.96 47.04 3.43
N LEU A 86 -37.55 47.87 2.57
CA LEU A 86 -37.92 49.23 2.93
C LEU A 86 -39.44 49.34 2.92
N LYS A 87 -40.01 49.84 4.02
CA LYS A 87 -41.47 49.87 3.97
C LYS A 87 -41.95 51.26 3.58
N PRO A 88 -43.01 51.36 2.78
CA PRO A 88 -43.39 52.63 2.16
C PRO A 88 -44.31 53.49 3.01
N ARG A 97 -38.78 51.40 8.23
CA ARG A 97 -38.36 52.80 8.19
C ARG A 97 -36.85 52.91 8.44
N ARG A 98 -36.08 52.22 7.61
CA ARG A 98 -34.63 52.34 7.69
C ARG A 98 -34.20 53.71 7.16
N PRO A 99 -33.15 54.30 7.74
CA PRO A 99 -32.75 55.65 7.29
C PRO A 99 -32.14 55.63 5.89
N TRP A 100 -31.27 54.65 5.64
CA TRP A 100 -30.62 54.51 4.35
C TRP A 100 -30.13 53.08 4.19
N VAL A 101 -29.89 52.70 2.94
CA VAL A 101 -29.32 51.40 2.60
C VAL A 101 -28.72 51.53 1.22
N LEU A 102 -27.79 50.66 0.88
CA LEU A 102 -27.20 50.71 -0.46
C LEU A 102 -27.68 49.51 -1.27
N GLY A 103 -27.82 49.74 -2.58
CA GLY A 103 -28.32 48.73 -3.50
C GLY A 103 -27.67 48.88 -4.85
N LYS A 104 -28.11 48.06 -5.80
CA LYS A 104 -27.59 48.08 -7.16
C LYS A 104 -28.70 48.45 -8.13
N VAL A 105 -28.44 49.45 -8.97
CA VAL A 105 -29.46 49.95 -9.90
C VAL A 105 -29.68 48.94 -11.01
N MET A 106 -30.95 48.66 -11.32
CA MET A 106 -31.31 47.76 -12.40
C MET A 106 -31.96 48.44 -13.59
N GLU A 107 -32.88 49.38 -13.38
CA GLU A 107 -33.42 50.10 -14.54
C GLU A 107 -33.79 51.52 -14.14
N LYS A 108 -33.67 52.44 -15.10
CA LYS A 108 -34.00 53.84 -14.90
C LYS A 108 -34.94 54.31 -15.98
N GLU A 109 -35.83 55.24 -15.62
CA GLU A 109 -36.82 55.78 -16.54
C GLU A 109 -36.87 57.29 -16.36
N TYR A 110 -36.81 58.00 -17.48
CA TYR A 110 -36.89 59.47 -17.47
C TYR A 110 -38.36 59.87 -17.50
N CYS A 111 -38.81 60.59 -16.47
CA CYS A 111 -40.21 60.96 -16.32
C CYS A 111 -40.32 62.46 -16.05
N GLN A 112 -41.54 62.97 -16.18
CA GLN A 112 -41.83 64.38 -15.93
C GLN A 112 -43.16 64.52 -15.22
N ALA A 113 -43.21 65.41 -14.22
CA ALA A 113 -44.38 65.65 -13.38
C ALA A 113 -45.47 66.38 -14.18
N LYS A 114 -46.48 65.64 -14.61
CA LYS A 114 -47.54 66.24 -15.41
C LYS A 114 -48.60 66.94 -14.58
N LYS A 115 -48.77 66.58 -13.31
CA LYS A 115 -49.80 67.16 -12.45
C LYS A 115 -49.16 67.88 -11.27
N ALA A 116 -49.79 68.98 -10.86
CA ALA A 116 -49.28 69.78 -9.75
C ALA A 116 -49.42 69.07 -8.42
N GLN A 117 -50.36 68.14 -8.30
CA GLN A 117 -50.57 67.36 -7.08
C GLN A 117 -49.95 65.97 -7.22
N ASN A 118 -48.67 65.94 -7.50
CA ASN A 118 -48.01 64.67 -7.71
C ASN A 118 -47.49 64.11 -6.39
N ARG A 119 -47.17 62.81 -6.40
CA ARG A 119 -46.73 62.14 -5.18
C ARG A 119 -45.30 62.51 -4.82
N PHE A 120 -44.49 62.86 -5.81
CA PHE A 120 -43.09 63.24 -5.54
C PHE A 120 -42.95 64.65 -4.99
N LYS A 121 -44.03 65.41 -4.91
CA LYS A 121 -44.00 66.77 -4.36
C LYS A 121 -43.03 67.67 -5.13
N VAL A 122 -42.89 67.39 -6.42
CA VAL A 122 -42.04 68.22 -7.28
C VAL A 122 -42.95 69.21 -7.98
N PRO A 123 -42.46 70.40 -8.35
CA PRO A 123 -43.32 71.36 -9.04
C PRO A 123 -43.71 70.85 -10.40
N LEU A 124 -44.72 71.50 -10.97
CA LEU A 124 -45.27 71.08 -12.25
C LEU A 124 -44.22 71.19 -13.35
N GLY A 125 -44.13 70.14 -14.16
CA GLY A 125 -43.18 70.12 -15.25
C GLY A 125 -41.77 69.70 -14.89
N THR A 126 -41.53 69.21 -13.68
CA THR A 126 -40.19 68.83 -13.28
C THR A 126 -39.80 67.49 -13.90
N LYS A 127 -38.61 67.43 -14.47
CA LYS A 127 -38.10 66.20 -15.05
C LYS A 127 -37.19 65.50 -14.05
N PHE A 128 -37.34 64.18 -13.93
CA PHE A 128 -36.56 63.41 -12.99
C PHE A 128 -36.41 61.99 -13.53
N TYR A 129 -35.74 61.15 -12.76
CA TYR A 129 -35.64 59.73 -13.07
C TYR A 129 -36.32 58.93 -11.98
N ARG A 130 -36.86 57.77 -12.37
CA ARG A 130 -37.31 56.76 -11.42
C ARG A 130 -36.46 55.52 -11.67
N VAL A 131 -35.80 55.05 -10.63
CA VAL A 131 -34.88 53.92 -10.72
C VAL A 131 -35.46 52.78 -9.90
N LYS A 132 -35.57 51.61 -10.50
CA LYS A 132 -35.79 50.38 -9.77
C LYS A 132 -34.44 49.73 -9.55
N ALA A 133 -34.12 49.49 -8.29
CA ALA A 133 -32.85 48.93 -7.85
C ALA A 133 -33.13 47.80 -6.87
N VAL A 134 -32.13 46.94 -6.69
CA VAL A 134 -32.26 45.76 -5.84
C VAL A 134 -31.21 45.88 -4.74
N SER A 135 -31.53 45.28 -3.59
CA SER A 135 -30.61 45.32 -2.47
C SER A 135 -29.27 44.68 -2.84
N TRP A 136 -28.24 45.08 -2.11
CA TRP A 136 -26.89 44.62 -2.38
C TRP A 136 -26.33 44.02 -1.09
N ASN A 137 -25.82 42.79 -1.19
CA ASN A 137 -25.23 42.11 -0.05
C ASN A 137 -23.79 41.75 -0.39
N LYS A 138 -22.90 42.01 0.57
CA LYS A 138 -21.46 41.80 0.40
C LYS A 138 -21.06 40.40 0.83
N LYS A 139 -20.16 39.80 0.08
CA LYS A 139 -19.69 38.44 0.35
C LYS A 139 -18.59 38.43 1.41
N GLY B 1 19.61 4.71 -24.29
CA GLY B 1 20.09 5.84 -25.07
C GLY B 1 19.01 6.47 -25.94
N ALA B 2 18.35 5.63 -26.74
CA ALA B 2 17.24 6.11 -27.56
C ALA B 2 16.13 6.67 -26.69
N ALA B 3 15.85 6.04 -25.55
CA ALA B 3 14.86 6.56 -24.62
C ALA B 3 15.28 7.92 -24.07
N ARG B 4 16.57 8.08 -23.77
CA ARG B 4 17.06 9.38 -23.28
C ARG B 4 16.91 10.46 -24.34
N ILE B 5 17.26 10.16 -25.59
CA ILE B 5 17.13 11.16 -26.66
C ILE B 5 15.67 11.53 -26.88
N MET B 6 14.78 10.53 -26.89
CA MET B 6 13.36 10.80 -27.09
C MET B 6 12.79 11.62 -25.93
N LEU B 7 13.16 11.28 -24.69
CA LEU B 7 12.72 12.03 -23.53
C LEU B 7 13.23 13.46 -23.57
N LEU B 8 14.49 13.64 -23.97
CA LEU B 8 15.06 14.98 -24.03
C LEU B 8 14.37 15.83 -25.08
N GLU B 9 14.03 15.24 -26.24
CA GLU B 9 13.28 15.97 -27.26
C GLU B 9 11.87 16.31 -26.79
N ARG B 10 11.21 15.37 -26.10
CA ARG B 10 9.85 15.63 -25.60
C ARG B 10 9.85 16.75 -24.56
N THR B 11 10.77 16.69 -23.61
CA THR B 11 10.88 17.75 -22.60
C THR B 11 11.30 19.08 -23.22
N LEU B 12 12.14 19.05 -24.26
CA LEU B 12 12.52 20.29 -24.94
C LEU B 12 11.32 20.91 -25.63
N GLN B 13 10.48 20.10 -26.28
CA GLN B 13 9.24 20.62 -26.86
C GLN B 13 8.33 21.18 -25.78
N LEU B 14 8.25 20.50 -24.63
CA LEU B 14 7.45 21.00 -23.51
C LEU B 14 7.96 22.37 -23.05
N LYS B 15 9.28 22.49 -22.91
CA LYS B 15 9.88 23.76 -22.50
C LYS B 15 9.62 24.85 -23.53
N GLU B 16 9.65 24.50 -24.82
CA GLU B 16 9.40 25.49 -25.86
C GLU B 16 7.95 25.97 -25.81
N GLU B 17 7.02 25.05 -25.57
CA GLU B 17 5.62 25.43 -25.41
C GLU B 17 5.45 26.34 -24.20
N GLU B 18 6.13 26.02 -23.11
CA GLU B 18 6.11 26.86 -21.92
C GLU B 18 6.65 28.26 -22.24
N ASN B 19 7.72 28.33 -23.03
CA ASN B 19 8.30 29.63 -23.39
C ASN B 19 7.31 30.48 -24.18
N LYS B 20 6.61 29.86 -25.14
CA LYS B 20 5.63 30.61 -25.91
C LYS B 20 4.47 31.07 -25.02
N ARG B 21 3.99 30.18 -24.15
CA ARG B 21 2.88 30.54 -23.25
C ARG B 21 3.26 31.66 -22.30
N LEU B 22 4.45 31.60 -21.71
CA LEU B 22 4.87 32.65 -20.79
C LEU B 22 5.11 33.97 -21.51
N ASN B 23 5.70 33.94 -22.71
CA ASN B 23 5.94 35.18 -23.41
C ASN B 23 4.62 35.84 -23.81
N GLN B 24 3.66 35.04 -24.29
CA GLN B 24 2.34 35.59 -24.63
C GLN B 24 1.63 36.12 -23.39
N ARG B 25 1.76 35.42 -22.26
CA ARG B 25 1.17 35.92 -21.01
C ARG B 25 1.79 37.25 -20.60
N LEU B 26 3.11 37.38 -20.76
CA LEU B 26 3.76 38.64 -20.41
C LEU B 26 3.25 39.77 -21.30
N MET B 27 3.10 39.51 -22.59
CA MET B 27 2.59 40.54 -23.49
C MET B 27 1.16 40.92 -23.14
N SER B 28 0.32 39.93 -22.79
CA SER B 28 -1.05 40.22 -22.42
C SER B 28 -1.13 41.00 -21.11
N GLN B 29 -0.29 40.65 -20.12
CA GLN B 29 -0.29 41.39 -18.86
C GLN B 29 0.18 42.82 -19.06
N SER B 30 1.15 43.03 -19.95
CA SER B 30 1.57 44.40 -20.28
C SER B 30 0.45 45.14 -20.99
N MET B 31 -0.35 44.43 -21.79
CA MET B 31 -1.45 45.07 -22.51
C MET B 31 -2.56 45.50 -21.57
N SER B 32 -2.93 44.64 -20.62
CA SER B 32 -4.14 44.84 -19.81
C SER B 32 -3.91 45.71 -18.59
N SER B 33 -2.71 46.28 -18.40
CA SER B 33 -2.44 47.08 -17.21
C SER B 33 -3.22 48.39 -17.20
N VAL B 34 -3.55 48.91 -18.38
CA VAL B 34 -4.27 50.19 -18.48
C VAL B 34 -5.64 50.09 -17.83
N GLU B 40 -14.73 58.28 -10.92
CA GLU B 40 -15.75 59.20 -10.43
C GLU B 40 -16.59 58.61 -9.31
N LYS B 41 -16.31 57.35 -8.94
CA LYS B 41 -17.07 56.66 -7.93
C LYS B 41 -16.38 56.75 -6.57
N ILE B 42 -17.19 56.73 -5.51
CA ILE B 42 -16.75 56.99 -4.15
C ILE B 42 -16.39 55.69 -3.47
N ALA B 43 -15.32 55.70 -2.66
CA ALA B 43 -14.95 54.54 -1.86
C ALA B 43 -15.72 54.56 -0.55
N ILE B 44 -16.21 53.39 -0.14
CA ILE B 44 -17.05 53.27 1.02
C ILE B 44 -16.38 52.47 2.15
N ARG B 45 -15.54 51.51 1.82
CA ARG B 45 -15.08 50.60 2.86
C ARG B 45 -13.62 50.78 3.24
N ASP B 46 -12.70 50.18 2.48
CA ASP B 46 -11.27 50.22 2.81
C ASP B 46 -10.69 51.52 2.26
N PHE B 47 -10.35 52.45 3.15
CA PHE B 47 -9.92 53.78 2.74
C PHE B 47 -8.43 53.79 2.44
N GLN B 48 -8.09 54.30 1.25
CA GLN B 48 -6.71 54.45 0.83
C GLN B 48 -6.48 55.87 0.35
N VAL B 49 -5.21 56.27 0.33
CA VAL B 49 -4.86 57.59 -0.15
C VAL B 49 -5.26 57.72 -1.61
N GLY B 50 -5.82 58.86 -1.98
CA GLY B 50 -6.27 59.07 -3.33
C GLY B 50 -7.69 58.63 -3.59
N ASP B 51 -8.36 58.07 -2.60
CA ASP B 51 -9.74 57.63 -2.75
C ASP B 51 -10.69 58.81 -2.60
N LEU B 52 -11.81 58.72 -3.31
CA LEU B 52 -12.85 59.74 -3.27
C LEU B 52 -13.81 59.42 -2.13
N VAL B 53 -13.98 60.36 -1.20
CA VAL B 53 -14.83 60.14 -0.04
C VAL B 53 -15.86 61.26 0.07
N LEU B 54 -16.91 60.97 0.84
CA LEU B 54 -18.00 61.90 1.09
C LEU B 54 -17.95 62.31 2.55
N ILE B 55 -17.53 63.52 2.83
CA ILE B 55 -17.46 64.03 4.19
C ILE B 55 -18.83 64.59 4.56
N ILE B 56 -19.43 64.06 5.63
CA ILE B 56 -20.73 64.52 6.08
C ILE B 56 -20.58 65.07 7.50
N LEU B 57 -21.52 65.92 7.89
CA LEU B 57 -21.51 66.51 9.23
C LEU B 57 -22.18 65.57 10.20
N ASP B 58 -21.47 65.19 11.27
CA ASP B 58 -22.05 64.48 12.37
C ASP B 58 -22.22 65.48 13.53
N GLU B 59 -23.40 65.46 14.13
CA GLU B 59 -23.81 66.27 15.28
C GLU B 59 -23.69 65.52 16.60
N ARG B 60 -24.04 64.23 16.63
CA ARG B 60 -23.86 63.46 17.85
C ARG B 60 -22.41 63.55 18.29
N HIS B 61 -21.49 63.22 17.41
CA HIS B 61 -20.11 63.63 17.58
C HIS B 61 -20.03 64.95 16.87
N ASP B 62 -19.43 65.94 17.50
CA ASP B 62 -19.57 67.30 16.99
C ASP B 62 -18.75 67.55 15.71
N ASN B 63 -18.35 66.50 14.99
CA ASN B 63 -17.35 66.68 13.94
C ASN B 63 -17.86 66.28 12.58
N TYR B 64 -17.01 66.45 11.56
CA TYR B 64 -17.32 65.88 10.26
C TYR B 64 -16.70 64.50 10.16
N VAL B 65 -17.41 63.56 9.56
CA VAL B 65 -16.99 62.17 9.49
C VAL B 65 -17.08 61.74 8.03
N LEU B 66 -16.13 60.91 7.60
CA LEU B 66 -16.20 60.35 6.25
C LEU B 66 -17.33 59.34 6.22
N PHE B 67 -18.05 59.26 5.10
CA PHE B 67 -19.13 58.31 5.03
C PHE B 67 -18.55 56.90 5.09
N THR B 68 -19.10 56.09 5.97
CA THR B 68 -18.49 54.82 6.25
C THR B 68 -19.69 53.92 6.51
N VAL B 69 -19.60 52.67 6.06
CA VAL B 69 -20.74 51.79 6.22
C VAL B 69 -20.16 50.71 7.11
N SER B 70 -19.44 51.18 8.13
CA SER B 70 -18.59 50.37 8.99
C SER B 70 -18.61 50.91 10.40
N PRO B 71 -18.50 50.02 11.39
CA PRO B 71 -18.49 50.46 12.79
C PRO B 71 -17.38 51.44 13.11
N THR B 72 -16.22 51.30 12.47
CA THR B 72 -15.11 52.21 12.72
C THR B 72 -15.48 53.61 12.26
N LEU B 73 -15.11 54.59 13.07
CA LEU B 73 -15.39 55.99 12.78
C LEU B 73 -14.16 56.68 12.22
N TYR B 74 -14.34 57.37 11.10
CA TYR B 74 -13.30 58.13 10.44
C TYR B 74 -13.67 59.61 10.54
N PHE B 75 -12.98 60.35 11.40
CA PHE B 75 -13.23 61.77 11.56
C PHE B 75 -12.34 62.58 10.62
N LEU B 76 -12.72 63.83 10.41
CA LEU B 76 -11.96 64.75 9.59
C LEU B 76 -10.98 65.53 10.47
N HIS B 77 -9.81 65.82 9.92
CA HIS B 77 -8.77 66.47 10.70
C HIS B 77 -9.02 67.97 10.81
N SER B 78 -8.67 68.51 11.99
CA SER B 78 -8.95 69.91 12.29
C SER B 78 -8.26 70.85 11.31
N GLU B 79 -7.05 70.51 10.87
CA GLU B 79 -6.37 71.36 9.89
C GLU B 79 -6.99 71.21 8.51
N SER B 80 -7.55 70.04 8.19
CA SER B 80 -8.19 69.84 6.90
C SER B 80 -9.54 70.55 6.79
N LEU B 81 -10.20 70.83 7.92
CA LEU B 81 -11.49 71.52 7.84
C LEU B 81 -11.44 72.88 7.17
N PRO B 82 -10.59 73.84 7.59
CA PRO B 82 -10.67 75.19 6.99
C PRO B 82 -10.20 75.26 5.54
N ALA B 83 -9.43 74.27 5.07
CA ALA B 83 -8.90 74.35 3.71
C ALA B 83 -10.00 74.29 2.66
N LEU B 84 -11.08 73.55 2.92
CA LEU B 84 -12.16 73.36 1.98
C LEU B 84 -13.35 74.29 2.27
N ASP B 85 -13.09 75.48 2.81
CA ASP B 85 -14.13 76.48 3.07
C ASP B 85 -15.23 75.90 3.96
N LEU B 86 -14.81 75.19 5.01
CA LEU B 86 -15.68 74.68 6.06
C LEU B 86 -15.46 75.53 7.30
N LYS B 87 -16.55 76.04 7.87
CA LYS B 87 -16.41 76.98 8.97
C LYS B 87 -16.47 76.26 10.32
N PRO B 88 -15.48 76.47 11.20
CA PRO B 88 -15.35 75.82 12.52
C PRO B 88 -16.59 76.00 13.40
N SER B 96 -25.49 77.15 12.23
CA SER B 96 -24.59 76.04 11.91
C SER B 96 -24.08 76.16 10.48
N ARG B 97 -23.57 75.07 9.92
CA ARG B 97 -22.95 75.14 8.60
C ARG B 97 -23.33 73.91 7.79
N ARG B 98 -22.56 73.65 6.71
CA ARG B 98 -22.91 72.85 5.56
C ARG B 98 -23.03 71.36 5.90
N PRO B 99 -23.99 70.69 5.26
CA PRO B 99 -24.25 69.26 5.57
C PRO B 99 -23.20 68.30 5.04
N TRP B 100 -22.70 68.50 3.82
CA TRP B 100 -21.75 67.54 3.27
C TRP B 100 -20.90 68.21 2.20
N VAL B 101 -19.80 67.52 1.87
CA VAL B 101 -18.88 67.95 0.82
C VAL B 101 -18.16 66.71 0.33
N LEU B 102 -17.57 66.79 -0.86
CA LEU B 102 -16.83 65.68 -1.44
C LEU B 102 -15.34 65.99 -1.39
N GLY B 103 -14.51 64.97 -1.11
CA GLY B 103 -13.09 65.18 -1.02
C GLY B 103 -12.29 63.96 -1.42
N LYS B 104 -10.96 64.10 -1.36
CA LYS B 104 -10.03 63.03 -1.66
C LYS B 104 -9.14 62.79 -0.45
N VAL B 105 -9.06 61.53 -0.01
CA VAL B 105 -8.30 61.19 1.18
C VAL B 105 -6.81 61.27 0.88
N MET B 106 -6.06 61.94 1.75
CA MET B 106 -4.61 62.08 1.59
C MET B 106 -3.81 61.32 2.63
N GLU B 107 -4.20 61.37 3.90
CA GLU B 107 -3.48 60.62 4.92
C GLU B 107 -4.44 60.20 6.03
N LYS B 108 -4.16 59.07 6.66
CA LYS B 108 -4.98 58.58 7.76
C LYS B 108 -4.10 58.25 8.95
N GLU B 109 -4.64 58.46 10.16
CA GLU B 109 -3.92 58.22 11.39
C GLU B 109 -4.83 57.48 12.36
N TYR B 110 -4.33 56.41 12.95
CA TYR B 110 -5.08 55.61 13.91
C TYR B 110 -4.94 56.26 15.29
N CYS B 111 -6.05 56.66 15.89
CA CYS B 111 -6.04 57.35 17.17
C CYS B 111 -7.00 56.65 18.13
N GLN B 112 -6.84 56.94 19.43
CA GLN B 112 -7.70 56.37 20.45
C GLN B 112 -8.02 57.42 21.50
N ALA B 113 -9.29 57.46 21.91
CA ALA B 113 -9.74 58.44 22.91
C ALA B 113 -9.18 58.04 24.27
N LYS B 114 -8.12 58.74 24.69
CA LYS B 114 -7.50 58.46 25.98
C LYS B 114 -8.21 59.14 27.14
N LYS B 115 -9.02 60.17 26.88
CA LYS B 115 -9.75 60.89 27.91
C LYS B 115 -11.24 60.65 27.71
N ALA B 116 -11.96 60.49 28.83
CA ALA B 116 -13.40 60.22 28.75
C ALA B 116 -14.19 61.42 28.26
N GLN B 117 -13.72 62.64 28.53
CA GLN B 117 -14.38 63.85 28.05
C GLN B 117 -13.56 64.39 26.89
N ASN B 118 -14.00 64.08 25.67
CA ASN B 118 -13.30 64.43 24.45
C ASN B 118 -14.20 65.24 23.54
N ARG B 119 -13.60 65.82 22.52
CA ARG B 119 -14.34 66.55 21.50
C ARG B 119 -15.07 65.63 20.53
N PHE B 120 -14.57 64.40 20.35
CA PHE B 120 -15.17 63.43 19.44
C PHE B 120 -16.44 62.80 19.99
N LYS B 121 -16.79 63.06 21.24
CA LYS B 121 -18.02 62.54 21.86
C LYS B 121 -18.08 61.02 21.80
N VAL B 122 -16.93 60.35 21.80
CA VAL B 122 -16.88 58.89 21.80
C VAL B 122 -16.65 58.40 23.22
N PRO B 123 -17.11 57.20 23.57
CA PRO B 123 -16.84 56.67 24.92
C PRO B 123 -15.36 56.43 25.12
N LEU B 124 -14.99 56.24 26.39
CA LEU B 124 -13.59 56.06 26.75
C LEU B 124 -13.02 54.79 26.14
N GLY B 125 -11.81 54.89 25.60
CA GLY B 125 -11.14 53.76 25.02
C GLY B 125 -11.54 53.43 23.60
N THR B 126 -12.31 54.31 22.94
CA THR B 126 -12.72 54.07 21.57
C THR B 126 -11.58 54.38 20.60
N LYS B 127 -11.32 53.44 19.70
CA LYS B 127 -10.32 53.61 18.66
C LYS B 127 -11.00 54.02 17.36
N PHE B 128 -10.40 54.98 16.66
CA PHE B 128 -10.97 55.54 15.45
C PHE B 128 -9.85 56.03 14.54
N TYR B 129 -10.22 56.60 13.39
CA TYR B 129 -9.28 57.19 12.47
C TYR B 129 -9.49 58.69 12.37
N ARG B 130 -8.40 59.43 12.15
CA ARG B 130 -8.44 60.83 11.79
C ARG B 130 -7.80 60.98 10.42
N VAL B 131 -8.53 61.61 9.49
CA VAL B 131 -8.11 61.68 8.09
C VAL B 131 -7.82 63.13 7.72
N LYS B 132 -6.66 63.35 7.10
CA LYS B 132 -6.36 64.60 6.41
C LYS B 132 -6.74 64.42 4.94
N ALA B 133 -7.70 65.23 4.48
CA ALA B 133 -8.19 65.14 3.13
C ALA B 133 -8.30 66.53 2.53
N VAL B 134 -8.29 66.59 1.20
CA VAL B 134 -8.35 67.84 0.45
C VAL B 134 -9.55 67.74 -0.49
N SER B 135 -10.14 68.90 -0.82
CA SER B 135 -11.29 68.90 -1.71
C SER B 135 -10.93 68.31 -3.07
N TRP B 136 -11.95 67.75 -3.72
CA TRP B 136 -11.81 67.08 -5.02
C TRP B 136 -12.89 67.57 -5.97
N ASN B 137 -12.52 68.33 -7.00
CA ASN B 137 -13.48 68.78 -7.98
C ASN B 137 -13.35 67.97 -9.27
N LYS B 138 -14.39 68.04 -10.11
CA LYS B 138 -14.48 67.20 -11.29
C LYS B 138 -13.47 67.63 -12.36
N LYS B 139 -12.90 66.64 -13.04
CA LYS B 139 -11.92 66.90 -14.08
C LYS B 139 -12.14 65.99 -15.29
N GLY C 1 -4.45 19.63 -33.37
CA GLY C 1 -3.22 20.36 -33.12
C GLY C 1 -1.97 19.63 -33.57
N ALA C 2 -1.20 20.25 -34.49
CA ALA C 2 -0.01 19.59 -35.00
C ALA C 2 1.04 19.41 -33.92
N ALA C 3 1.20 20.42 -33.06
CA ALA C 3 2.15 20.32 -31.95
C ALA C 3 1.72 19.22 -30.97
N ARG C 4 0.41 19.13 -30.69
CA ARG C 4 -0.08 18.08 -29.81
C ARG C 4 0.17 16.70 -30.41
N ILE C 5 -0.08 16.55 -31.72
CA ILE C 5 0.17 15.28 -32.37
C ILE C 5 1.65 14.92 -32.31
N MET C 6 2.53 15.91 -32.49
CA MET C 6 3.95 15.65 -32.41
C MET C 6 4.36 15.22 -31.01
N LEU C 7 3.82 15.90 -29.99
CA LEU C 7 4.14 15.54 -28.62
C LEU C 7 3.67 14.12 -28.30
N LEU C 8 2.45 13.77 -28.70
CA LEU C 8 1.95 12.43 -28.44
C LEU C 8 2.74 11.39 -29.23
N GLU C 9 3.15 11.71 -30.46
CA GLU C 9 3.96 10.76 -31.22
C GLU C 9 5.30 10.52 -30.54
N ARG C 10 5.91 11.58 -30.00
CA ARG C 10 7.16 11.41 -29.26
C ARG C 10 6.94 10.54 -28.03
N THR C 11 5.84 10.79 -27.30
CA THR C 11 5.55 10.00 -26.11
C THR C 11 5.33 8.53 -26.45
N LEU C 12 4.64 8.27 -27.57
CA LEU C 12 4.41 6.89 -27.98
C LEU C 12 5.69 6.20 -28.39
N GLN C 13 6.55 6.87 -29.15
CA GLN C 13 7.82 6.26 -29.51
C GLN C 13 8.64 5.95 -28.26
N LEU C 14 8.63 6.87 -27.29
CA LEU C 14 9.34 6.64 -26.04
C LEU C 14 8.79 5.43 -25.29
N LYS C 15 7.46 5.36 -25.15
CA LYS C 15 6.86 4.26 -24.41
C LYS C 15 7.12 2.92 -25.10
N GLU C 16 7.06 2.91 -26.44
CA GLU C 16 7.32 1.67 -27.16
C GLU C 16 8.77 1.25 -27.03
N GLU C 17 9.71 2.19 -27.10
CA GLU C 17 11.11 1.85 -26.90
C GLU C 17 11.35 1.33 -25.50
N GLU C 18 10.72 1.95 -24.51
CA GLU C 18 10.83 1.50 -23.12
C GLU C 18 10.28 0.08 -22.96
N ASN C 19 9.12 -0.20 -23.56
CA ASN C 19 8.54 -1.55 -23.49
C ASN C 19 9.41 -2.57 -24.18
N LYS C 20 10.03 -2.20 -25.30
CA LYS C 20 10.93 -3.12 -25.97
C LYS C 20 12.15 -3.41 -25.11
N ARG C 21 12.68 -2.38 -24.43
CA ARG C 21 13.80 -2.61 -23.51
C ARG C 21 13.38 -3.55 -22.40
N LEU C 22 12.17 -3.36 -21.86
CA LEU C 22 11.67 -4.20 -20.78
C LEU C 22 11.49 -5.65 -21.22
N ASN C 23 10.98 -5.86 -22.43
CA ASN C 23 10.86 -7.22 -22.95
C ASN C 23 12.23 -7.85 -23.13
N GLN C 24 13.19 -7.07 -23.62
CA GLN C 24 14.54 -7.59 -23.74
C GLN C 24 15.11 -7.96 -22.38
N ARG C 25 14.80 -7.16 -21.36
CA ARG C 25 15.22 -7.47 -20.00
C ARG C 25 14.63 -8.80 -19.54
N LEU C 26 13.35 -9.02 -19.83
CA LEU C 26 12.70 -10.26 -19.47
C LEU C 26 13.35 -11.45 -20.17
N MET C 27 13.66 -11.30 -21.46
CA MET C 27 14.31 -12.39 -22.18
C MET C 27 15.70 -12.67 -21.64
N SER C 28 16.44 -11.62 -21.26
CA SER C 28 17.77 -11.84 -20.69
C SER C 28 17.70 -12.51 -19.33
N GLN C 29 16.75 -12.10 -18.48
CA GLN C 29 16.59 -12.74 -17.18
C GLN C 29 16.18 -14.20 -17.34
N SER C 30 15.31 -14.48 -18.31
CA SER C 30 14.91 -15.85 -18.56
C SER C 30 16.06 -16.69 -19.10
N MET C 31 16.92 -16.10 -19.94
CA MET C 31 18.05 -16.85 -20.47
C MET C 31 19.13 -17.08 -19.43
N SER C 32 19.23 -16.20 -18.43
CA SER C 32 20.19 -16.40 -17.36
C SER C 32 19.66 -17.28 -16.24
N SER C 33 18.63 -18.07 -16.49
CA SER C 33 18.03 -18.94 -15.49
C SER C 33 18.10 -20.39 -15.96
N VAL C 34 17.78 -21.31 -15.04
CA VAL C 34 17.92 -22.73 -15.30
C VAL C 34 17.06 -23.13 -16.50
N SER C 35 17.48 -24.20 -17.19
CA SER C 35 16.90 -24.59 -18.47
C SER C 35 15.68 -25.49 -18.32
N SER C 36 15.84 -26.62 -17.63
CA SER C 36 14.83 -27.68 -17.66
C SER C 36 13.59 -27.30 -16.86
N ARG C 37 12.56 -28.16 -16.97
CA ARG C 37 11.26 -27.89 -16.39
C ARG C 37 11.30 -28.08 -14.87
N HIS C 38 10.20 -27.70 -14.22
CA HIS C 38 10.05 -27.82 -12.77
C HIS C 38 9.43 -29.18 -12.48
N SER C 39 10.29 -30.18 -12.29
CA SER C 39 9.80 -31.52 -11.99
C SER C 39 9.17 -31.56 -10.61
N GLU C 40 8.02 -32.23 -10.52
CA GLU C 40 7.35 -32.40 -9.24
C GLU C 40 8.25 -33.15 -8.27
N LYS C 41 8.07 -32.86 -6.97
CA LYS C 41 8.93 -33.39 -5.93
C LYS C 41 8.11 -34.20 -4.92
N ILE C 42 8.77 -35.18 -4.31
CA ILE C 42 8.16 -36.02 -3.29
C ILE C 42 8.61 -35.53 -1.91
N ALA C 43 7.68 -35.54 -0.95
CA ALA C 43 7.98 -35.16 0.42
C ALA C 43 8.52 -36.36 1.19
N ILE C 44 9.51 -36.13 2.05
CA ILE C 44 10.23 -37.20 2.73
C ILE C 44 9.97 -37.22 4.23
N ARG C 45 9.90 -36.07 4.88
CA ARG C 45 9.86 -36.02 6.33
C ARG C 45 8.52 -35.52 6.88
N ASP C 46 8.34 -34.21 6.99
CA ASP C 46 7.19 -33.60 7.64
C ASP C 46 6.06 -33.49 6.64
N PHE C 47 5.07 -34.36 6.78
CA PHE C 47 3.98 -34.46 5.81
C PHE C 47 2.85 -33.50 6.16
N GLN C 48 2.39 -32.77 5.15
CA GLN C 48 1.23 -31.91 5.28
C GLN C 48 0.26 -32.27 4.17
N VAL C 49 -1.01 -31.90 4.37
CA VAL C 49 -2.02 -32.25 3.39
C VAL C 49 -1.65 -31.65 2.04
N GLY C 50 -1.85 -32.42 0.97
CA GLY C 50 -1.52 -31.99 -0.36
C GLY C 50 -0.12 -32.32 -0.84
N ASP C 51 0.71 -32.95 -0.01
CA ASP C 51 2.05 -33.33 -0.43
C ASP C 51 2.01 -34.62 -1.25
N LEU C 52 2.92 -34.70 -2.21
CA LEU C 52 3.07 -35.91 -3.02
C LEU C 52 4.06 -36.83 -2.32
N VAL C 53 3.62 -38.05 -2.02
CA VAL C 53 4.41 -39.00 -1.26
C VAL C 53 4.56 -40.27 -2.08
N LEU C 54 5.50 -41.11 -1.65
CA LEU C 54 5.81 -42.38 -2.30
C LEU C 54 5.37 -43.51 -1.37
N ILE C 55 4.27 -44.16 -1.69
CA ILE C 55 3.77 -45.28 -0.89
C ILE C 55 4.45 -46.56 -1.33
N ILE C 56 5.16 -47.20 -0.39
CA ILE C 56 5.85 -48.46 -0.64
C ILE C 56 5.35 -49.51 0.35
N LEU C 57 5.60 -50.76 0.01
CA LEU C 57 5.21 -51.85 0.89
C LEU C 57 6.26 -52.02 1.96
N ASP C 58 5.83 -52.10 3.23
CA ASP C 58 6.74 -52.40 4.33
C ASP C 58 6.63 -53.90 4.61
N GLU C 59 7.78 -54.54 4.84
CA GLU C 59 7.78 -55.97 5.10
C GLU C 59 7.63 -56.28 6.59
N ARG C 60 8.25 -55.47 7.45
CA ARG C 60 8.09 -55.65 8.88
C ARG C 60 6.63 -55.56 9.29
N HIS C 61 6.00 -54.43 9.01
CA HIS C 61 4.57 -54.24 9.23
C HIS C 61 3.82 -54.61 7.97
N ASP C 62 2.71 -55.34 8.12
CA ASP C 62 2.05 -55.93 6.94
C ASP C 62 1.36 -54.94 6.05
N ASN C 63 1.61 -53.65 6.14
CA ASN C 63 0.90 -52.62 5.40
C ASN C 63 1.81 -51.83 4.46
N TYR C 64 1.18 -50.91 3.74
CA TYR C 64 1.90 -49.94 2.95
C TYR C 64 2.19 -48.71 3.81
N VAL C 65 3.37 -48.16 3.62
CA VAL C 65 3.87 -47.06 4.43
C VAL C 65 4.38 -45.99 3.47
N LEU C 66 4.19 -44.73 3.83
CA LEU C 66 4.76 -43.65 3.06
C LEU C 66 6.26 -43.62 3.29
N PHE C 67 7.05 -43.34 2.25
CA PHE C 67 8.49 -43.34 2.42
C PHE C 67 8.92 -42.19 3.33
N THR C 68 9.71 -42.54 4.36
CA THR C 68 10.06 -41.61 5.40
C THR C 68 11.49 -41.98 5.78
N VAL C 69 12.37 -40.98 5.83
CA VAL C 69 13.71 -41.26 6.33
C VAL C 69 13.68 -40.66 7.72
N SER C 70 12.66 -41.04 8.48
CA SER C 70 12.27 -40.48 9.76
C SER C 70 11.73 -41.58 10.67
N PRO C 71 11.98 -41.46 11.99
CA PRO C 71 11.52 -42.49 12.93
C PRO C 71 10.01 -42.70 12.92
N THR C 72 9.25 -41.64 12.75
CA THR C 72 7.80 -41.74 12.76
C THR C 72 7.31 -42.57 11.58
N LEU C 73 6.35 -43.46 11.85
CA LEU C 73 5.79 -44.30 10.80
C LEU C 73 4.47 -43.72 10.32
N TYR C 74 4.34 -43.59 8.99
CA TYR C 74 3.12 -43.11 8.35
C TYR C 74 2.52 -44.28 7.56
N PHE C 75 1.44 -44.85 8.07
CA PHE C 75 0.80 -45.96 7.41
C PHE C 75 -0.23 -45.44 6.40
N LEU C 76 -0.57 -46.29 5.44
CA LEU C 76 -1.61 -45.96 4.49
C LEU C 76 -2.95 -46.47 5.00
N HIS C 77 -4.01 -45.74 4.71
CA HIS C 77 -5.31 -46.07 5.26
C HIS C 77 -5.89 -47.29 4.55
N SER C 78 -6.62 -48.09 5.33
CA SER C 78 -7.22 -49.31 4.81
C SER C 78 -8.19 -49.00 3.67
N GLU C 79 -8.92 -47.89 3.78
CA GLU C 79 -9.85 -47.51 2.72
C GLU C 79 -9.11 -46.97 1.49
N SER C 80 -7.97 -46.32 1.69
CA SER C 80 -7.18 -45.85 0.55
C SER C 80 -6.49 -46.97 -0.18
N LEU C 81 -6.28 -48.11 0.50
CA LEU C 81 -5.53 -49.22 -0.11
C LEU C 81 -6.14 -49.72 -1.43
N PRO C 82 -7.41 -50.12 -1.48
CA PRO C 82 -7.94 -50.66 -2.76
C PRO C 82 -8.11 -49.61 -3.84
N ALA C 83 -8.19 -48.33 -3.46
CA ALA C 83 -8.42 -47.27 -4.44
C ALA C 83 -7.23 -47.08 -5.38
N LEU C 84 -6.01 -47.36 -4.92
CA LEU C 84 -4.81 -47.09 -5.69
C LEU C 84 -4.29 -48.32 -6.43
N ASP C 85 -5.18 -49.26 -6.78
CA ASP C 85 -4.83 -50.42 -7.59
C ASP C 85 -3.65 -51.18 -7.00
N LEU C 86 -3.66 -51.36 -5.68
CA LEU C 86 -2.69 -52.19 -4.99
C LEU C 86 -3.38 -53.49 -4.56
N LYS C 87 -2.79 -54.62 -4.96
CA LYS C 87 -3.42 -55.92 -4.77
C LYS C 87 -2.93 -56.57 -3.49
N PRO C 88 -3.78 -56.71 -2.46
CA PRO C 88 -3.43 -57.29 -1.16
C PRO C 88 -3.34 -58.82 -1.19
N ARG C 98 1.32 -54.44 -7.20
CA ARG C 98 2.31 -53.40 -7.48
C ARG C 98 3.38 -53.31 -6.39
N PRO C 99 4.62 -53.03 -6.78
CA PRO C 99 5.69 -52.94 -5.76
C PRO C 99 5.60 -51.65 -4.96
N TRP C 100 5.37 -50.52 -5.62
CA TRP C 100 5.24 -49.22 -4.99
C TRP C 100 4.48 -48.32 -5.96
N VAL C 101 3.96 -47.22 -5.43
CA VAL C 101 3.29 -46.23 -6.26
C VAL C 101 3.32 -44.92 -5.49
N LEU C 102 3.25 -43.80 -6.21
CA LEU C 102 3.23 -42.51 -5.55
C LEU C 102 1.85 -41.89 -5.67
N GLY C 103 1.48 -41.15 -4.63
CA GLY C 103 0.16 -40.56 -4.52
C GLY C 103 0.17 -39.22 -3.81
N LYS C 104 -0.99 -38.63 -3.60
CA LYS C 104 -1.12 -37.32 -2.96
C LYS C 104 -1.87 -37.48 -1.64
N VAL C 105 -1.29 -36.92 -0.57
CA VAL C 105 -1.84 -37.07 0.77
C VAL C 105 -3.13 -36.27 0.87
N MET C 106 -4.17 -36.89 1.45
CA MET C 106 -5.46 -36.22 1.59
C MET C 106 -5.76 -35.83 3.03
N GLU C 107 -5.51 -36.73 3.99
CA GLU C 107 -5.68 -36.38 5.39
C GLU C 107 -4.75 -37.23 6.24
N LYS C 108 -4.34 -36.70 7.39
CA LYS C 108 -3.49 -37.44 8.32
C LYS C 108 -4.11 -37.43 9.71
N GLU C 109 -3.88 -38.52 10.45
CA GLU C 109 -4.44 -38.71 11.78
C GLU C 109 -3.36 -39.27 12.70
N TYR C 110 -3.22 -38.66 13.88
CA TYR C 110 -2.24 -39.10 14.87
C TYR C 110 -2.85 -40.20 15.73
N CYS C 111 -2.25 -41.39 15.72
CA CYS C 111 -2.78 -42.54 16.44
C CYS C 111 -1.69 -43.16 17.29
N GLN C 112 -2.12 -44.00 18.23
CA GLN C 112 -1.21 -44.70 19.12
C GLN C 112 -1.70 -46.13 19.31
N ALA C 113 -0.77 -47.07 19.29
CA ALA C 113 -1.11 -48.49 19.42
C ALA C 113 -1.56 -48.76 20.85
N LYS C 114 -2.87 -48.88 21.06
CA LYS C 114 -3.41 -49.14 22.38
C LYS C 114 -3.40 -50.63 22.74
N LYS C 115 -3.35 -51.51 21.75
CA LYS C 115 -3.36 -52.95 21.96
C LYS C 115 -2.06 -53.57 21.49
N ALA C 116 -1.57 -54.57 22.22
CA ALA C 116 -0.36 -55.25 21.82
C ALA C 116 -0.58 -56.07 20.54
N GLN C 117 -1.82 -56.47 20.28
CA GLN C 117 -2.18 -57.20 19.07
C GLN C 117 -2.81 -56.26 18.05
N ASN C 118 -2.07 -55.21 17.71
CA ASN C 118 -2.53 -54.27 16.70
C ASN C 118 -2.10 -54.73 15.32
N ARG C 119 -2.90 -54.38 14.32
CA ARG C 119 -2.66 -54.81 12.94
C ARG C 119 -1.37 -54.23 12.37
N PHE C 120 -0.92 -53.08 12.87
CA PHE C 120 0.29 -52.45 12.37
C PHE C 120 1.56 -53.13 12.87
N LYS C 121 1.45 -54.12 13.74
CA LYS C 121 2.59 -54.89 14.25
C LYS C 121 3.62 -54.00 14.94
N VAL C 122 3.18 -52.89 15.51
CA VAL C 122 4.07 -52.01 16.26
C VAL C 122 3.91 -52.35 17.73
N PRO C 123 4.91 -52.14 18.57
CA PRO C 123 4.75 -52.44 19.99
C PRO C 123 3.71 -51.52 20.63
N LEU C 124 3.24 -51.94 21.80
CA LEU C 124 2.19 -51.21 22.48
C LEU C 124 2.68 -49.83 22.90
N GLY C 125 1.83 -48.83 22.70
CA GLY C 125 2.17 -47.47 23.06
C GLY C 125 2.99 -46.72 22.05
N THR C 126 3.18 -47.28 20.85
CA THR C 126 3.92 -46.60 19.79
C THR C 126 3.01 -45.58 19.13
N LYS C 127 3.53 -44.37 18.94
CA LYS C 127 2.78 -43.32 18.28
C LYS C 127 3.18 -43.22 16.81
N PHE C 128 2.17 -43.06 15.95
CA PHE C 128 2.40 -43.04 14.51
C PHE C 128 1.32 -42.20 13.85
N TYR C 129 1.42 -42.07 12.53
CA TYR C 129 0.40 -41.40 11.72
C TYR C 129 -0.25 -42.39 10.78
N ARG C 130 -1.53 -42.15 10.50
CA ARG C 130 -2.26 -42.85 9.47
C ARG C 130 -2.69 -41.84 8.42
N VAL C 131 -2.34 -42.08 7.18
CA VAL C 131 -2.59 -41.14 6.09
C VAL C 131 -3.58 -41.76 5.13
N LYS C 132 -4.63 -41.01 4.83
CA LYS C 132 -5.52 -41.32 3.72
C LYS C 132 -5.01 -40.54 2.52
N ALA C 133 -4.59 -41.26 1.48
CA ALA C 133 -4.01 -40.66 0.29
C ALA C 133 -4.60 -41.34 -0.94
N VAL C 134 -4.52 -40.64 -2.06
CA VAL C 134 -5.05 -41.13 -3.33
C VAL C 134 -3.93 -41.14 -4.35
N SER C 135 -4.04 -42.05 -5.32
CA SER C 135 -3.06 -42.19 -6.38
C SER C 135 -2.92 -40.90 -7.18
N TRP C 136 -1.83 -40.80 -7.94
CA TRP C 136 -1.49 -39.59 -8.67
C TRP C 136 -1.49 -39.87 -10.17
N ASN C 137 -1.70 -38.81 -10.94
CA ASN C 137 -1.68 -38.87 -12.40
C ASN C 137 -0.67 -37.85 -12.91
N LYS C 138 0.12 -38.26 -13.91
CA LYS C 138 1.12 -37.38 -14.49
C LYS C 138 0.51 -36.13 -15.11
N LYS C 139 -0.78 -36.16 -15.43
CA LYS C 139 -1.49 -35.04 -16.05
C LYS C 139 -0.79 -34.60 -17.33
N GLY D 1 -7.32 14.84 -37.09
CA GLY D 1 -7.31 15.94 -36.13
C GLY D 1 -7.62 15.50 -34.71
N ALA D 2 -8.78 15.92 -34.20
CA ALA D 2 -9.19 15.52 -32.86
C ALA D 2 -9.34 14.00 -32.77
N ALA D 3 -9.87 13.37 -33.83
CA ALA D 3 -9.99 11.92 -33.83
C ALA D 3 -8.63 11.25 -33.78
N ARG D 4 -7.65 11.77 -34.51
CA ARG D 4 -6.31 11.20 -34.45
C ARG D 4 -5.70 11.41 -33.07
N ILE D 5 -5.94 12.58 -32.46
CA ILE D 5 -5.44 12.81 -31.12
C ILE D 5 -6.02 11.80 -30.15
N MET D 6 -7.32 11.49 -30.29
CA MET D 6 -7.95 10.49 -29.43
C MET D 6 -7.38 9.10 -29.68
N LEU D 7 -7.13 8.76 -30.95
CA LEU D 7 -6.49 7.48 -31.25
C LEU D 7 -5.11 7.41 -30.61
N LEU D 8 -4.36 8.51 -30.63
CA LEU D 8 -3.05 8.55 -30.02
C LEU D 8 -3.13 8.40 -28.51
N GLU D 9 -4.15 9.01 -27.90
CA GLU D 9 -4.37 8.87 -26.46
C GLU D 9 -4.66 7.41 -26.11
N ARG D 10 -5.49 6.74 -26.92
CA ARG D 10 -5.76 5.33 -26.68
C ARG D 10 -4.49 4.49 -26.81
N THR D 11 -3.68 4.75 -27.84
CA THR D 11 -2.44 3.99 -27.99
C THR D 11 -1.50 4.22 -26.81
N LEU D 12 -1.49 5.44 -26.27
CA LEU D 12 -0.67 5.74 -25.11
C LEU D 12 -1.14 4.94 -23.89
N GLN D 13 -2.46 4.90 -23.70
CA GLN D 13 -3.03 4.09 -22.61
C GLN D 13 -2.66 2.63 -22.77
N LEU D 14 -2.70 2.13 -24.00
CA LEU D 14 -2.31 0.75 -24.27
C LEU D 14 -0.84 0.52 -23.90
N LYS D 15 0.04 1.43 -24.31
CA LYS D 15 1.46 1.24 -24.05
C LYS D 15 1.73 1.23 -22.55
N GLU D 16 1.06 2.10 -21.80
CA GLU D 16 1.26 2.10 -20.35
C GLU D 16 0.70 0.83 -19.69
N GLU D 17 -0.44 0.33 -20.17
CA GLU D 17 -0.97 -0.92 -19.64
C GLU D 17 -0.02 -2.09 -19.91
N GLU D 18 0.53 -2.15 -21.12
CA GLU D 18 1.54 -3.16 -21.44
C GLU D 18 2.74 -3.03 -20.54
N ASN D 19 3.19 -1.79 -20.30
CA ASN D 19 4.34 -1.56 -19.45
C ASN D 19 4.09 -2.07 -18.04
N LYS D 20 2.89 -1.83 -17.52
CA LYS D 20 2.55 -2.32 -16.19
C LYS D 20 2.49 -3.84 -16.13
N ARG D 21 1.90 -4.47 -17.15
CA ARG D 21 1.87 -5.94 -17.16
C ARG D 21 3.27 -6.51 -17.23
N LEU D 22 4.13 -5.93 -18.07
CA LEU D 22 5.49 -6.43 -18.22
C LEU D 22 6.29 -6.22 -16.95
N ASN D 23 6.09 -5.10 -16.27
CA ASN D 23 6.78 -4.87 -14.99
C ASN D 23 6.33 -5.86 -13.94
N GLN D 24 5.03 -6.13 -13.86
CA GLN D 24 4.55 -7.13 -12.91
C GLN D 24 5.11 -8.51 -13.23
N ARG D 25 5.19 -8.86 -14.52
CA ARG D 25 5.77 -10.14 -14.90
C ARG D 25 7.23 -10.23 -14.50
N LEU D 26 7.98 -9.14 -14.70
CA LEU D 26 9.40 -9.11 -14.32
C LEU D 26 9.58 -9.23 -12.81
N MET D 27 8.77 -8.50 -12.03
CA MET D 27 8.85 -8.59 -10.58
C MET D 27 8.48 -9.99 -10.10
N SER D 28 7.49 -10.61 -10.74
CA SER D 28 7.09 -11.97 -10.37
C SER D 28 8.21 -12.95 -10.67
N GLN D 29 8.88 -12.81 -11.81
CA GLN D 29 10.00 -13.68 -12.12
C GLN D 29 11.15 -13.47 -11.15
N SER D 30 11.40 -12.22 -10.75
CA SER D 30 12.49 -11.95 -9.82
C SER D 30 12.21 -12.55 -8.45
N MET D 31 10.98 -12.45 -7.96
CA MET D 31 10.65 -13.01 -6.65
C MET D 31 10.48 -14.52 -6.67
N SER D 32 10.13 -15.10 -7.83
CA SER D 32 9.65 -16.48 -7.87
C SER D 32 10.72 -17.50 -7.51
N SER D 33 11.97 -17.27 -7.91
CA SER D 33 13.03 -18.24 -7.66
C SER D 33 13.68 -18.07 -6.29
N VAL D 34 13.63 -16.87 -5.70
CA VAL D 34 14.01 -16.73 -4.30
C VAL D 34 12.94 -17.32 -3.40
N SER D 35 11.70 -17.46 -3.91
CA SER D 35 10.62 -18.02 -3.12
C SER D 35 10.80 -19.52 -2.88
N SER D 36 11.39 -20.23 -3.83
CA SER D 36 11.57 -21.68 -3.74
C SER D 36 13.06 -21.98 -3.70
N ARG D 37 13.62 -22.05 -2.49
CA ARG D 37 15.00 -22.44 -2.27
C ARG D 37 15.05 -23.52 -1.19
N HIS D 38 15.61 -24.68 -1.54
CA HIS D 38 15.77 -25.82 -0.63
C HIS D 38 14.47 -26.14 0.09
N SER D 39 13.45 -26.47 -0.71
CA SER D 39 12.14 -26.85 -0.19
C SER D 39 12.20 -28.06 0.73
N GLU D 40 13.27 -28.87 0.61
CA GLU D 40 13.50 -30.14 1.29
C GLU D 40 12.62 -31.26 0.74
N LYS D 41 12.17 -31.15 -0.50
CA LYS D 41 11.47 -32.22 -1.21
C LYS D 41 12.35 -32.75 -2.32
N ILE D 42 12.32 -34.07 -2.53
CA ILE D 42 13.25 -34.74 -3.42
C ILE D 42 12.76 -34.69 -4.87
N ALA D 43 13.70 -34.53 -5.80
CA ALA D 43 13.41 -34.57 -7.22
C ALA D 43 13.43 -36.02 -7.70
N ILE D 44 12.53 -36.37 -8.63
CA ILE D 44 12.33 -37.76 -9.03
C ILE D 44 12.84 -38.05 -10.44
N ARG D 45 12.52 -37.19 -11.42
CA ARG D 45 12.83 -37.55 -12.79
C ARG D 45 13.92 -36.70 -13.43
N ASP D 46 13.56 -35.54 -13.97
CA ASP D 46 14.54 -34.74 -14.68
C ASP D 46 15.46 -34.12 -13.64
N PHE D 47 16.67 -34.67 -13.51
CA PHE D 47 17.63 -34.21 -12.51
C PHE D 47 18.41 -33.06 -13.11
N GLN D 48 18.52 -31.97 -12.36
CA GLN D 48 19.31 -30.81 -12.71
C GLN D 48 20.19 -30.49 -11.51
N VAL D 49 21.29 -29.78 -11.78
CA VAL D 49 22.25 -29.49 -10.72
C VAL D 49 21.59 -28.70 -9.60
N GLY D 50 21.95 -29.05 -8.36
CA GLY D 50 21.39 -28.41 -7.18
C GLY D 50 20.13 -29.02 -6.63
N ASP D 51 19.58 -30.06 -7.27
CA ASP D 51 18.39 -30.71 -6.76
C ASP D 51 18.76 -31.69 -5.65
N LEU D 52 17.88 -31.82 -4.66
CA LEU D 52 18.08 -32.78 -3.60
C LEU D 52 17.44 -34.10 -4.03
N VAL D 53 18.26 -35.15 -4.05
CA VAL D 53 17.87 -36.46 -4.55
C VAL D 53 18.08 -37.52 -3.48
N LEU D 54 17.45 -38.66 -3.70
CA LEU D 54 17.51 -39.82 -2.80
C LEU D 54 18.30 -40.91 -3.49
N ILE D 55 19.54 -41.12 -3.05
CA ILE D 55 20.40 -42.15 -3.59
C ILE D 55 20.09 -43.45 -2.85
N ILE D 56 19.70 -44.49 -3.59
CA ILE D 56 19.38 -45.78 -3.02
C ILE D 56 20.33 -46.81 -3.59
N LEU D 57 20.48 -47.92 -2.88
CA LEU D 57 21.34 -49.00 -3.35
C LEU D 57 20.57 -49.91 -4.29
N ASP D 58 21.14 -50.20 -5.45
CA ASP D 58 20.58 -51.18 -6.35
C ASP D 58 21.31 -52.50 -6.10
N GLU D 59 20.56 -53.59 -5.98
CA GLU D 59 21.18 -54.89 -5.79
C GLU D 59 21.34 -55.61 -7.12
N ARG D 60 20.37 -55.47 -8.03
CA ARG D 60 20.49 -56.04 -9.36
C ARG D 60 21.73 -55.49 -10.06
N HIS D 61 21.82 -54.18 -10.19
CA HIS D 61 23.03 -53.51 -10.63
C HIS D 61 23.84 -53.15 -9.39
N ASP D 62 25.13 -53.46 -9.40
CA ASP D 62 25.92 -53.41 -8.16
C ASP D 62 26.23 -52.01 -7.65
N ASN D 63 25.58 -50.96 -8.13
CA ASN D 63 25.89 -49.58 -7.77
C ASN D 63 24.72 -48.91 -7.06
N TYR D 64 24.95 -47.67 -6.66
CA TYR D 64 23.89 -46.83 -6.13
C TYR D 64 23.24 -46.07 -7.28
N VAL D 65 21.92 -45.90 -7.21
CA VAL D 65 21.13 -45.27 -8.24
C VAL D 65 20.24 -44.24 -7.58
N LEU D 66 20.02 -43.14 -8.29
CA LEU D 66 19.08 -42.12 -7.83
C LEU D 66 17.66 -42.64 -7.98
N PHE D 67 16.77 -42.23 -7.07
CA PHE D 67 15.39 -42.66 -7.24
C PHE D 67 14.77 -41.98 -8.46
N THR D 68 14.13 -42.80 -9.31
CA THR D 68 13.84 -42.49 -10.71
C THR D 68 12.37 -42.24 -11.00
N VAL D 69 11.53 -43.28 -11.00
CA VAL D 69 10.17 -43.28 -11.57
C VAL D 69 10.34 -42.94 -13.06
N SER D 70 11.49 -43.35 -13.62
CA SER D 70 11.79 -43.07 -15.03
C SER D 70 12.62 -44.21 -15.60
N PRO D 71 12.41 -44.56 -16.88
CA PRO D 71 13.22 -45.64 -17.49
C PRO D 71 14.71 -45.35 -17.50
N THR D 72 15.09 -44.08 -17.67
CA THR D 72 16.50 -43.72 -17.70
C THR D 72 17.11 -43.96 -16.33
N LEU D 73 18.30 -44.54 -16.29
CA LEU D 73 18.98 -44.84 -15.04
C LEU D 73 20.03 -43.77 -14.74
N TYR D 74 20.01 -43.25 -13.51
CA TYR D 74 20.99 -42.29 -13.03
C TYR D 74 21.82 -42.97 -11.95
N PHE D 75 23.06 -43.32 -12.27
CA PHE D 75 23.96 -43.98 -11.34
C PHE D 75 24.77 -42.96 -10.53
N LEU D 76 25.31 -43.42 -9.40
CA LEU D 76 26.17 -42.58 -8.57
C LEU D 76 27.64 -42.81 -8.92
N HIS D 77 28.42 -41.74 -8.83
CA HIS D 77 29.82 -41.80 -9.22
C HIS D 77 30.69 -42.44 -8.14
N SER D 78 31.70 -43.21 -8.60
CA SER D 78 32.59 -43.92 -7.68
C SER D 78 33.37 -42.94 -6.80
N GLU D 79 33.77 -41.79 -7.37
CA GLU D 79 34.48 -40.80 -6.58
C GLU D 79 33.56 -40.10 -5.59
N SER D 80 32.28 -39.95 -5.93
CA SER D 80 31.31 -39.36 -5.02
C SER D 80 30.94 -40.31 -3.89
N LEU D 81 31.18 -41.61 -4.07
CA LEU D 81 30.81 -42.59 -3.04
C LEU D 81 31.43 -42.29 -1.68
N PRO D 82 32.76 -42.13 -1.52
CA PRO D 82 33.31 -41.93 -0.17
C PRO D 82 32.92 -40.59 0.44
N ALA D 83 32.50 -39.62 -0.37
CA ALA D 83 32.14 -38.31 0.18
C ALA D 83 30.91 -38.39 1.07
N LEU D 84 29.98 -39.29 0.75
CA LEU D 84 28.75 -39.47 1.52
C LEU D 84 28.85 -40.65 2.47
N ASP D 85 30.06 -40.97 2.91
CA ASP D 85 30.35 -42.02 3.89
C ASP D 85 29.66 -43.33 3.54
N LEU D 86 29.61 -43.65 2.26
CA LEU D 86 29.18 -44.97 1.79
C LEU D 86 30.40 -45.65 1.19
N LYS D 87 30.80 -46.79 1.76
CA LYS D 87 31.99 -47.50 1.28
C LYS D 87 31.63 -48.85 0.67
N PRO D 88 31.53 -48.96 -0.65
CA PRO D 88 31.39 -50.26 -1.33
C PRO D 88 32.66 -50.72 -2.03
N ARG D 97 27.10 -50.80 1.42
CA ARG D 97 26.04 -51.73 1.82
C ARG D 97 24.92 -51.01 2.54
N ARG D 98 25.08 -49.70 2.75
CA ARG D 98 24.02 -48.91 3.33
C ARG D 98 22.84 -48.80 2.35
N PRO D 99 21.60 -48.81 2.84
CA PRO D 99 20.46 -48.84 1.92
C PRO D 99 20.22 -47.54 1.16
N TRP D 100 20.28 -46.40 1.83
CA TRP D 100 20.00 -45.15 1.14
C TRP D 100 20.64 -43.99 1.87
N VAL D 101 20.73 -42.87 1.16
CA VAL D 101 21.25 -41.62 1.70
C VAL D 101 20.66 -40.49 0.87
N LEU D 102 20.66 -39.28 1.42
CA LEU D 102 20.15 -38.12 0.72
C LEU D 102 21.31 -37.27 0.28
N GLY D 103 21.21 -36.68 -0.91
CA GLY D 103 22.31 -35.88 -1.40
C GLY D 103 21.82 -34.76 -2.29
N LYS D 104 22.77 -33.97 -2.77
CA LYS D 104 22.50 -32.88 -3.70
C LYS D 104 23.27 -33.16 -4.97
N VAL D 105 22.58 -33.18 -6.11
CA VAL D 105 23.24 -33.51 -7.36
C VAL D 105 24.11 -32.33 -7.79
N MET D 106 25.36 -32.63 -8.14
CA MET D 106 26.33 -31.63 -8.55
C MET D 106 26.68 -31.67 -10.02
N GLU D 107 26.86 -32.86 -10.60
CA GLU D 107 27.21 -32.95 -12.01
C GLU D 107 26.56 -34.17 -12.63
N LYS D 108 26.27 -34.08 -13.92
CA LYS D 108 25.66 -35.18 -14.66
C LYS D 108 26.45 -35.43 -15.94
N GLU D 109 26.48 -36.70 -16.35
CA GLU D 109 27.18 -37.11 -17.56
C GLU D 109 26.31 -38.12 -18.30
N TYR D 110 26.08 -37.88 -19.59
CA TYR D 110 25.31 -38.80 -20.43
C TYR D 110 26.25 -39.86 -21.00
N CYS D 111 25.99 -41.13 -20.67
CA CYS D 111 26.86 -42.23 -21.04
C CYS D 111 26.04 -43.32 -21.72
N GLN D 112 26.76 -44.23 -22.37
CA GLN D 112 26.18 -45.37 -23.04
C GLN D 112 27.05 -46.59 -22.76
N ALA D 113 26.42 -47.72 -22.46
CA ALA D 113 27.12 -48.95 -22.11
C ALA D 113 27.81 -49.49 -23.35
N LYS D 114 29.13 -49.28 -23.43
CA LYS D 114 29.88 -49.73 -24.60
C LYS D 114 30.27 -51.20 -24.54
N LYS D 115 30.33 -51.80 -23.35
CA LYS D 115 30.67 -53.20 -23.18
C LYS D 115 29.51 -53.95 -22.54
N ALA D 116 29.28 -55.19 -22.99
CA ALA D 116 28.21 -55.99 -22.40
C ALA D 116 28.57 -56.43 -20.99
N GLN D 117 29.86 -56.51 -20.68
CA GLN D 117 30.34 -56.86 -19.35
C GLN D 117 30.77 -55.60 -18.60
N ASN D 118 29.79 -54.71 -18.39
CA ASN D 118 30.02 -53.42 -17.76
C ASN D 118 29.84 -53.51 -16.24
N ARG D 119 30.38 -52.50 -15.55
CA ARG D 119 30.28 -52.47 -14.10
C ARG D 119 28.85 -52.24 -13.63
N PHE D 120 28.03 -51.57 -14.44
CA PHE D 120 26.63 -51.34 -14.10
C PHE D 120 25.77 -52.57 -14.35
N LYS D 121 26.31 -53.61 -14.98
CA LYS D 121 25.59 -54.86 -15.24
C LYS D 121 24.31 -54.63 -16.04
N VAL D 122 24.31 -53.60 -16.89
CA VAL D 122 23.19 -53.30 -17.78
C VAL D 122 23.52 -53.89 -19.15
N PRO D 123 22.54 -54.21 -19.98
CA PRO D 123 22.87 -54.75 -21.31
C PRO D 123 23.61 -53.72 -22.16
N LEU D 124 24.23 -54.22 -23.22
CA LEU D 124 25.07 -53.39 -24.08
C LEU D 124 24.22 -52.39 -24.84
N GLY D 125 24.72 -51.16 -24.96
CA GLY D 125 24.05 -50.11 -25.68
C GLY D 125 22.99 -49.36 -24.91
N THR D 126 22.89 -49.57 -23.61
CA THR D 126 21.91 -48.86 -22.80
C THR D 126 22.43 -47.45 -22.51
N LYS D 127 21.58 -46.44 -22.70
CA LYS D 127 21.94 -45.07 -22.43
C LYS D 127 21.46 -44.69 -21.04
N PHE D 128 22.32 -44.02 -20.29
CA PHE D 128 22.01 -43.66 -18.91
C PHE D 128 22.79 -42.41 -18.55
N TYR D 129 22.61 -41.95 -17.31
CA TYR D 129 23.36 -40.83 -16.76
C TYR D 129 24.19 -41.30 -15.58
N ARG D 130 25.35 -40.66 -15.38
CA ARG D 130 26.17 -40.83 -14.19
C ARG D 130 26.25 -39.49 -13.47
N VAL D 131 25.92 -39.49 -12.18
CA VAL D 131 25.79 -38.28 -11.38
C VAL D 131 26.88 -38.25 -10.31
N LYS D 132 27.57 -37.12 -10.23
CA LYS D 132 28.42 -36.79 -9.10
C LYS D 132 27.59 -35.98 -8.11
N ALA D 133 27.46 -36.50 -6.90
CA ALA D 133 26.63 -35.87 -5.87
C ALA D 133 27.42 -35.79 -4.57
N VAL D 134 27.01 -34.86 -3.73
CA VAL D 134 27.68 -34.57 -2.46
C VAL D 134 26.68 -34.70 -1.32
N SER D 135 27.20 -34.99 -0.14
CA SER D 135 26.40 -35.11 1.06
C SER D 135 25.66 -33.79 1.33
N TRP D 136 24.69 -33.85 2.24
CA TRP D 136 23.81 -32.73 2.51
C TRP D 136 24.01 -32.17 3.92
N ASN D 137 25.14 -32.50 4.54
CA ASN D 137 25.53 -31.96 5.84
C ASN D 137 26.93 -31.36 5.72
N LYS D 138 27.26 -30.48 6.66
CA LYS D 138 28.54 -29.79 6.62
C LYS D 138 29.64 -30.68 7.19
N LYS D 139 30.72 -30.83 6.43
CA LYS D 139 31.88 -31.63 6.83
C LYS D 139 31.48 -33.08 7.11
N GLY E 1 -17.50 1.18 -42.05
CA GLY E 1 -18.91 0.84 -42.20
C GLY E 1 -19.65 0.89 -40.87
N ALA E 2 -20.94 1.23 -40.93
CA ALA E 2 -21.73 1.31 -39.71
C ALA E 2 -21.87 -0.05 -39.06
N ALA E 3 -22.07 -1.09 -39.87
CA ALA E 3 -22.16 -2.45 -39.33
C ALA E 3 -20.85 -2.89 -38.70
N ARG E 4 -19.72 -2.55 -39.33
CA ARG E 4 -18.42 -2.87 -38.75
C ARG E 4 -18.22 -2.15 -37.42
N ILE E 5 -18.59 -0.87 -37.37
CA ILE E 5 -18.45 -0.11 -36.14
C ILE E 5 -19.32 -0.68 -35.03
N MET E 6 -20.56 -1.05 -35.35
CA MET E 6 -21.44 -1.62 -34.33
C MET E 6 -20.92 -2.97 -33.85
N LEU E 7 -20.42 -3.80 -34.77
CA LEU E 7 -19.84 -5.07 -34.36
C LEU E 7 -18.67 -4.88 -33.41
N LEU E 8 -17.79 -3.92 -33.72
CA LEU E 8 -16.66 -3.67 -32.84
C LEU E 8 -17.12 -3.10 -31.50
N GLU E 9 -18.16 -2.26 -31.49
CA GLU E 9 -18.67 -1.74 -30.23
C GLU E 9 -19.26 -2.85 -29.37
N ARG E 10 -19.99 -3.79 -29.97
CA ARG E 10 -20.53 -4.90 -29.20
C ARG E 10 -19.42 -5.78 -28.64
N THR E 11 -18.42 -6.10 -29.46
CA THR E 11 -17.31 -6.91 -28.98
C THR E 11 -16.54 -6.19 -27.88
N LEU E 12 -16.40 -4.87 -28.00
CA LEU E 12 -15.73 -4.07 -26.97
C LEU E 12 -16.52 -4.09 -25.66
N GLN E 13 -17.85 -3.97 -25.74
CA GLN E 13 -18.65 -4.09 -24.52
C GLN E 13 -18.48 -5.45 -23.89
N LEU E 14 -18.44 -6.48 -24.72
CA LEU E 14 -18.25 -7.84 -24.21
C LEU E 14 -16.91 -7.97 -23.49
N LYS E 15 -15.84 -7.45 -24.10
CA LYS E 15 -14.52 -7.50 -23.48
C LYS E 15 -14.49 -6.71 -22.18
N GLU E 16 -15.18 -5.55 -22.15
CA GLU E 16 -15.20 -4.73 -20.95
C GLU E 16 -15.94 -5.41 -19.82
N GLU E 17 -17.03 -6.10 -20.14
CA GLU E 17 -17.73 -6.87 -19.13
C GLU E 17 -16.84 -7.98 -18.59
N GLU E 18 -16.09 -8.64 -19.47
CA GLU E 18 -15.17 -9.68 -19.02
C GLU E 18 -14.11 -9.12 -18.08
N ASN E 19 -13.53 -7.97 -18.43
CA ASN E 19 -12.51 -7.36 -17.56
C ASN E 19 -13.09 -6.93 -16.22
N LYS E 20 -14.30 -6.38 -16.23
CA LYS E 20 -14.93 -5.98 -14.97
C LYS E 20 -15.22 -7.20 -14.10
N ARG E 21 -15.62 -8.31 -14.73
CA ARG E 21 -15.82 -9.55 -13.99
C ARG E 21 -14.52 -10.00 -13.34
N LEU E 22 -13.40 -9.90 -14.05
CA LEU E 22 -12.11 -10.28 -13.46
C LEU E 22 -11.72 -9.33 -12.32
N ASN E 23 -12.00 -8.03 -12.47
CA ASN E 23 -11.69 -7.10 -11.39
C ASN E 23 -12.54 -7.39 -10.15
N GLN E 24 -13.82 -7.69 -10.34
CA GLN E 24 -14.66 -8.08 -9.22
C GLN E 24 -14.17 -9.38 -8.60
N ARG E 25 -13.69 -10.31 -9.43
CA ARG E 25 -13.13 -11.55 -8.89
C ARG E 25 -11.94 -11.25 -7.99
N LEU E 26 -11.06 -10.35 -8.43
CA LEU E 26 -9.90 -10.00 -7.62
C LEU E 26 -10.32 -9.31 -6.32
N MET E 27 -11.27 -8.36 -6.39
CA MET E 27 -11.71 -7.69 -5.17
C MET E 27 -12.38 -8.66 -4.21
N SER E 28 -13.18 -9.60 -4.73
CA SER E 28 -13.84 -10.59 -3.89
C SER E 28 -12.82 -11.53 -3.24
N GLN E 29 -11.81 -11.94 -4.00
CA GLN E 29 -10.76 -12.80 -3.47
C GLN E 29 -9.94 -12.07 -2.40
N SER E 30 -9.71 -10.76 -2.60
CA SER E 30 -9.02 -9.99 -1.57
C SER E 30 -9.87 -9.81 -0.32
N MET E 31 -11.19 -9.60 -0.49
CA MET E 31 -12.08 -9.45 0.65
C MET E 31 -12.30 -10.77 1.38
N SER E 32 -12.12 -11.89 0.69
CA SER E 32 -12.20 -13.21 1.28
C SER E 32 -10.96 -13.60 2.05
N SER E 33 -9.95 -12.73 2.12
CA SER E 33 -8.76 -13.03 2.87
C SER E 33 -9.00 -12.84 4.36
N VAL E 34 -8.29 -13.63 5.17
CA VAL E 34 -8.42 -13.53 6.62
C VAL E 34 -8.00 -12.13 7.08
N SER E 35 -8.74 -11.59 8.03
CA SER E 35 -8.50 -10.21 8.48
C SER E 35 -7.14 -10.09 9.15
N SER E 36 -6.83 -10.99 10.08
CA SER E 36 -5.58 -10.94 10.82
C SER E 36 -4.37 -11.12 9.89
N LYS E 41 2.83 -17.07 17.76
CA LYS E 41 2.97 -18.51 17.53
C LYS E 41 4.43 -18.89 17.35
N ILE E 42 4.90 -19.81 18.19
CA ILE E 42 6.26 -20.34 18.15
C ILE E 42 6.24 -21.67 17.41
N ALA E 43 7.26 -21.91 16.59
CA ALA E 43 7.40 -23.18 15.91
C ALA E 43 8.11 -24.18 16.82
N ILE E 44 7.62 -25.42 16.86
CA ILE E 44 8.13 -26.42 17.78
C ILE E 44 8.86 -27.56 17.06
N ARG E 45 8.37 -27.98 15.90
CA ARG E 45 8.96 -29.12 15.20
C ARG E 45 9.51 -28.75 13.82
N ASP E 46 8.63 -28.30 12.93
CA ASP E 46 9.00 -28.01 11.55
C ASP E 46 9.54 -26.60 11.49
N PHE E 47 10.86 -26.48 11.42
CA PHE E 47 11.53 -25.20 11.39
C PHE E 47 11.70 -24.75 9.94
N GLN E 48 11.20 -23.57 9.63
CA GLN E 48 11.37 -22.94 8.33
C GLN E 48 11.79 -21.49 8.56
N VAL E 49 12.37 -20.88 7.52
CA VAL E 49 12.85 -19.51 7.65
C VAL E 49 11.69 -18.59 8.03
N GLY E 50 11.96 -17.67 8.95
CA GLY E 50 10.95 -16.76 9.42
C GLY E 50 10.13 -17.24 10.61
N ASP E 51 10.37 -18.44 11.10
CA ASP E 51 9.64 -18.95 12.25
C ASP E 51 10.21 -18.38 13.55
N LEU E 52 9.33 -18.22 14.54
CA LEU E 52 9.73 -17.72 15.86
C LEU E 52 10.09 -18.90 16.75
N VAL E 53 11.33 -18.87 17.30
CA VAL E 53 11.85 -19.97 18.09
C VAL E 53 12.31 -19.45 19.46
N LEU E 54 12.46 -20.40 20.39
CA LEU E 54 12.90 -20.14 21.76
C LEU E 54 14.27 -20.77 21.99
N ILE E 55 15.32 -19.97 22.06
CA ILE E 55 16.65 -20.49 22.33
C ILE E 55 16.87 -20.54 23.84
N ILE E 56 17.19 -21.74 24.35
CA ILE E 56 17.43 -21.97 25.76
C ILE E 56 18.85 -22.50 25.94
N LEU E 57 19.35 -22.45 27.18
CA LEU E 57 20.69 -22.94 27.48
C LEU E 57 20.69 -24.47 27.64
N ASP E 58 21.60 -25.15 26.94
CA ASP E 58 21.82 -26.58 27.10
C ASP E 58 23.01 -26.80 28.01
N GLU E 59 22.88 -27.72 28.98
CA GLU E 59 23.98 -27.96 29.91
C GLU E 59 24.90 -29.10 29.47
N ARG E 60 24.35 -30.19 28.93
CA ARG E 60 25.19 -31.28 28.44
C ARG E 60 26.13 -30.80 27.35
N HIS E 61 25.58 -30.26 26.28
CA HIS E 61 26.36 -29.55 25.28
C HIS E 61 26.37 -28.09 25.70
N ASP E 62 27.56 -27.50 25.75
CA ASP E 62 27.72 -26.22 26.45
C ASP E 62 27.15 -25.03 25.68
N ASN E 63 26.30 -25.27 24.69
CA ASN E 63 25.79 -24.21 23.82
C ASN E 63 24.28 -24.03 24.02
N TYR E 64 23.75 -23.04 23.30
CA TYR E 64 22.32 -22.77 23.28
C TYR E 64 21.63 -23.52 22.14
N VAL E 65 20.42 -24.01 22.42
CA VAL E 65 19.65 -24.84 21.50
C VAL E 65 18.22 -24.31 21.43
N LEU E 66 17.63 -24.44 20.25
CA LEU E 66 16.22 -24.12 20.08
C LEU E 66 15.38 -25.17 20.79
N PHE E 67 14.26 -24.76 21.38
CA PHE E 67 13.41 -25.77 22.00
C PHE E 67 12.82 -26.66 20.92
N THR E 68 12.98 -27.97 21.09
CA THR E 68 12.62 -28.92 20.04
C THR E 68 12.07 -30.13 20.78
N VAL E 69 10.92 -30.62 20.34
CA VAL E 69 10.39 -31.84 20.93
C VAL E 69 10.63 -32.87 19.83
N SER E 70 11.87 -32.90 19.35
CA SER E 70 12.33 -33.66 18.20
C SER E 70 13.75 -34.18 18.44
N PRO E 71 14.07 -35.37 17.90
CA PRO E 71 15.41 -35.94 18.10
C PRO E 71 16.53 -35.09 17.54
N THR E 72 16.31 -34.41 16.42
CA THR E 72 17.35 -33.56 15.85
C THR E 72 17.63 -32.38 16.75
N LEU E 73 18.91 -32.05 16.91
CA LEU E 73 19.33 -30.93 17.74
C LEU E 73 19.58 -29.71 16.86
N TYR E 74 18.99 -28.58 17.26
CA TYR E 74 19.15 -27.31 16.56
C TYR E 74 19.92 -26.36 17.47
N PHE E 75 21.18 -26.11 17.13
CA PHE E 75 22.03 -25.22 17.88
C PHE E 75 21.90 -23.79 17.36
N LEU E 76 22.33 -22.84 18.19
CA LEU E 76 22.37 -21.44 17.80
C LEU E 76 23.73 -21.13 17.18
N HIS E 77 23.74 -20.24 16.18
CA HIS E 77 24.95 -19.97 15.44
C HIS E 77 25.90 -19.07 16.21
N SER E 78 27.20 -19.32 16.00
CA SER E 78 28.24 -18.55 16.67
C SER E 78 28.15 -17.08 16.29
N GLU E 79 27.79 -16.79 15.04
CA GLU E 79 27.66 -15.40 14.60
C GLU E 79 26.41 -14.75 15.18
N SER E 80 25.33 -15.50 15.36
CA SER E 80 24.12 -14.96 15.96
C SER E 80 24.22 -14.79 17.47
N LEU E 81 25.11 -15.52 18.13
CA LEU E 81 25.21 -15.46 19.59
C LEU E 81 25.50 -14.06 20.13
N PRO E 82 26.55 -13.35 19.69
CA PRO E 82 26.86 -12.05 20.33
C PRO E 82 25.85 -10.94 20.02
N ALA E 83 25.05 -11.07 18.96
CA ALA E 83 24.14 -10.00 18.57
C ALA E 83 22.99 -9.80 19.58
N LEU E 84 22.53 -10.88 20.22
CA LEU E 84 21.38 -10.82 21.11
C LEU E 84 21.75 -10.73 22.58
N ASP E 85 22.90 -10.13 22.92
CA ASP E 85 23.31 -9.94 24.31
C ASP E 85 23.32 -11.25 25.08
N LEU E 86 23.83 -12.30 24.43
CA LEU E 86 24.03 -13.60 25.05
C LEU E 86 25.52 -13.81 25.26
N LYS E 87 25.90 -14.18 26.48
CA LYS E 87 27.32 -14.28 26.84
C LYS E 87 27.81 -15.71 26.67
N ARG E 98 22.26 -15.50 30.66
CA ARG E 98 20.81 -15.54 30.53
C ARG E 98 20.33 -16.96 30.26
N PRO E 99 19.19 -17.33 30.84
CA PRO E 99 18.70 -18.72 30.68
C PRO E 99 18.10 -19.01 29.31
N TRP E 100 17.27 -18.10 28.79
CA TRP E 100 16.58 -18.30 27.52
C TRP E 100 16.14 -16.96 26.96
N VAL E 101 15.85 -16.94 25.66
CA VAL E 101 15.32 -15.76 24.99
C VAL E 101 14.61 -16.21 23.73
N LEU E 102 13.74 -15.35 23.20
CA LEU E 102 12.99 -15.63 21.99
C LEU E 102 13.59 -14.88 20.81
N GLY E 103 13.57 -15.52 19.64
CA GLY E 103 14.12 -14.92 18.45
C GLY E 103 13.37 -15.40 17.22
N LYS E 104 13.80 -14.91 16.06
CA LYS E 104 13.24 -15.31 14.78
C LYS E 104 14.35 -15.91 13.93
N VAL E 105 14.11 -17.13 13.44
CA VAL E 105 15.14 -17.84 12.69
C VAL E 105 15.28 -17.20 11.31
N MET E 106 16.52 -17.00 10.89
CA MET E 106 16.81 -16.40 9.60
C MET E 106 17.37 -17.39 8.59
N GLU E 107 18.28 -18.26 9.01
CA GLU E 107 18.80 -19.29 8.13
C GLU E 107 19.17 -20.52 8.94
N LYS E 108 19.08 -21.69 8.31
CA LYS E 108 19.44 -22.94 8.94
C LYS E 108 20.40 -23.71 8.04
N GLU E 109 21.31 -24.44 8.66
CA GLU E 109 22.30 -25.22 7.93
C GLU E 109 22.43 -26.60 8.57
N TYR E 110 22.41 -27.64 7.73
CA TYR E 110 22.55 -29.00 8.20
C TYR E 110 24.05 -29.32 8.30
N CYS E 111 24.50 -29.68 9.50
CA CYS E 111 25.91 -29.91 9.76
C CYS E 111 26.11 -31.28 10.39
N GLN E 112 27.37 -31.72 10.38
CA GLN E 112 27.77 -33.02 10.93
C GLN E 112 29.07 -32.85 11.70
N ALA E 113 29.15 -33.54 12.85
CA ALA E 113 30.32 -33.44 13.73
C ALA E 113 31.51 -34.10 13.06
N LYS E 114 32.43 -33.29 12.53
CA LYS E 114 33.60 -33.82 11.85
C LYS E 114 34.73 -34.21 12.81
N LYS E 115 34.76 -33.64 14.01
CA LYS E 115 35.80 -33.95 14.98
C LYS E 115 35.19 -34.59 16.22
N ALA E 116 35.91 -35.56 16.79
CA ALA E 116 35.44 -36.22 18.00
C ALA E 116 35.48 -35.28 19.20
N GLN E 117 36.39 -34.30 19.17
CA GLN E 117 36.50 -33.29 20.22
C GLN E 117 35.88 -31.97 19.77
N ASN E 118 34.65 -32.06 19.24
CA ASN E 118 33.97 -30.88 18.75
C ASN E 118 33.55 -29.97 19.90
N ARG E 119 33.22 -28.72 19.56
CA ARG E 119 32.80 -27.76 20.56
C ARG E 119 31.45 -28.11 21.18
N PHE E 120 30.60 -28.83 20.44
CA PHE E 120 29.30 -29.25 20.95
C PHE E 120 29.37 -30.45 21.87
N LYS E 121 30.56 -31.05 22.04
CA LYS E 121 30.75 -32.20 22.92
C LYS E 121 29.85 -33.38 22.51
N VAL E 122 29.56 -33.48 21.21
CA VAL E 122 28.74 -34.56 20.67
C VAL E 122 29.65 -35.65 20.10
N PRO E 123 29.21 -36.91 20.06
CA PRO E 123 30.06 -37.96 19.48
C PRO E 123 30.25 -37.75 17.98
N LEU E 124 31.24 -38.47 17.45
CA LEU E 124 31.60 -38.35 16.05
C LEU E 124 30.47 -38.83 15.15
N GLY E 125 30.23 -38.10 14.07
CA GLY E 125 29.20 -38.48 13.11
C GLY E 125 27.80 -38.05 13.43
N THR E 126 27.61 -37.19 14.44
CA THR E 126 26.28 -36.72 14.79
C THR E 126 25.82 -35.66 13.80
N LYS E 127 24.61 -35.82 13.28
CA LYS E 127 24.00 -34.86 12.37
C LYS E 127 23.06 -33.94 13.14
N PHE E 128 23.14 -32.64 12.86
CA PHE E 128 22.31 -31.67 13.56
C PHE E 128 22.10 -30.46 12.66
N TYR E 129 21.38 -29.47 13.17
CA TYR E 129 21.20 -28.20 12.49
C TYR E 129 21.84 -27.09 13.31
N ARG E 130 22.40 -26.10 12.63
CA ARG E 130 22.80 -24.84 13.27
C ARG E 130 22.06 -23.70 12.59
N VAL E 131 21.38 -22.87 13.37
CA VAL E 131 20.53 -21.81 12.85
C VAL E 131 21.10 -20.46 13.22
N LYS E 132 21.19 -19.57 12.24
CA LYS E 132 21.47 -18.16 12.47
C LYS E 132 20.13 -17.43 12.58
N ALA E 133 19.90 -16.81 13.74
CA ALA E 133 18.66 -16.14 14.06
C ALA E 133 18.94 -14.79 14.72
N VAL E 134 17.95 -13.91 14.67
CA VAL E 134 18.04 -12.57 15.25
C VAL E 134 16.91 -12.42 16.25
N SER E 135 17.12 -11.58 17.27
CA SER E 135 16.10 -11.32 18.27
C SER E 135 14.85 -10.74 17.61
N TRP E 136 13.72 -10.83 18.31
CA TRP E 136 12.43 -10.42 17.78
C TRP E 136 11.84 -9.35 18.67
N ASN E 137 11.85 -8.10 18.20
CA ASN E 137 11.26 -6.99 18.92
C ASN E 137 10.23 -6.27 18.05
N ALA F 2 -13.30 5.25 -40.84
CA ALA F 2 -12.10 4.42 -40.79
C ALA F 2 -11.29 4.76 -39.55
N ALA F 3 -11.24 6.05 -39.23
CA ALA F 3 -10.54 6.48 -38.02
C ALA F 3 -11.19 5.89 -36.79
N ARG F 4 -12.52 5.88 -36.75
CA ARG F 4 -13.23 5.26 -35.63
C ARG F 4 -12.97 3.76 -35.58
N ILE F 5 -12.91 3.11 -36.74
CA ILE F 5 -12.61 1.69 -36.75
C ILE F 5 -11.24 1.43 -36.14
N MET F 6 -10.25 2.27 -36.49
CA MET F 6 -8.92 2.10 -35.89
C MET F 6 -8.96 2.35 -34.39
N LEU F 7 -9.70 3.36 -33.96
CA LEU F 7 -9.83 3.62 -32.52
C LEU F 7 -10.46 2.43 -31.80
N LEU F 8 -11.48 1.83 -32.39
CA LEU F 8 -12.13 0.68 -31.77
C LEU F 8 -11.20 -0.52 -31.72
N GLU F 9 -10.40 -0.71 -32.77
CA GLU F 9 -9.42 -1.80 -32.76
C GLU F 9 -8.36 -1.58 -31.69
N ARG F 10 -7.88 -0.34 -31.53
CA ARG F 10 -6.92 -0.07 -30.47
C ARG F 10 -7.52 -0.32 -29.10
N THR F 11 -8.77 0.12 -28.89
CA THR F 11 -9.41 -0.12 -27.60
C THR F 11 -9.57 -1.61 -27.34
N LEU F 12 -9.86 -2.40 -28.38
CA LEU F 12 -9.96 -3.83 -28.19
C LEU F 12 -8.61 -4.42 -27.78
N GLN F 13 -7.53 -3.96 -28.41
CA GLN F 13 -6.19 -4.40 -28.02
C GLN F 13 -5.88 -4.01 -26.58
N LEU F 14 -6.29 -2.81 -26.18
CA LEU F 14 -6.10 -2.37 -24.80
C LEU F 14 -6.85 -3.28 -23.83
N LYS F 15 -8.10 -3.59 -24.14
CA LYS F 15 -8.88 -4.45 -23.26
C LYS F 15 -8.25 -5.84 -23.21
N GLU F 16 -7.69 -6.32 -24.32
CA GLU F 16 -7.05 -7.64 -24.29
C GLU F 16 -5.79 -7.63 -23.43
N GLU F 17 -5.00 -6.56 -23.50
CA GLU F 17 -3.84 -6.44 -22.62
C GLU F 17 -4.26 -6.35 -21.16
N GLU F 18 -5.31 -5.58 -20.88
CA GLU F 18 -5.83 -5.50 -19.52
C GLU F 18 -6.27 -6.87 -19.04
N ASN F 19 -6.95 -7.63 -19.91
CA ASN F 19 -7.40 -8.96 -19.53
C ASN F 19 -6.25 -9.89 -19.23
N LYS F 20 -5.18 -9.83 -20.05
CA LYS F 20 -4.03 -10.68 -19.79
C LYS F 20 -3.33 -10.27 -18.50
N ARG F 21 -3.18 -8.97 -18.26
CA ARG F 21 -2.55 -8.52 -17.02
C ARG F 21 -3.37 -8.91 -15.81
N LEU F 22 -4.68 -8.73 -15.88
CA LEU F 22 -5.56 -9.06 -14.76
C LEU F 22 -5.56 -10.56 -14.49
N ASN F 23 -5.54 -11.38 -15.55
CA ASN F 23 -5.46 -12.81 -15.36
C ASN F 23 -4.15 -13.22 -14.72
N GLN F 24 -3.04 -12.60 -15.14
CA GLN F 24 -1.75 -12.91 -14.51
C GLN F 24 -1.75 -12.49 -13.05
N ARG F 25 -2.34 -11.34 -12.75
CA ARG F 25 -2.45 -10.91 -11.35
C ARG F 25 -3.30 -11.86 -10.54
N LEU F 26 -4.40 -12.35 -11.12
CA LEU F 26 -5.28 -13.27 -10.41
C LEU F 26 -4.57 -14.59 -10.11
N MET F 27 -3.88 -15.15 -11.11
CA MET F 27 -3.15 -16.40 -10.87
C MET F 27 -1.98 -16.20 -9.89
N SER F 28 -1.28 -15.07 -9.98
CA SER F 28 -0.19 -14.84 -9.04
C SER F 28 -0.69 -14.69 -7.61
N GLN F 29 -1.80 -13.96 -7.43
CA GLN F 29 -2.36 -13.82 -6.09
C GLN F 29 -2.91 -15.15 -5.57
N SER F 30 -3.50 -15.96 -6.45
CA SER F 30 -3.99 -17.27 -6.02
C SER F 30 -2.84 -18.19 -5.63
N MET F 31 -1.73 -18.11 -6.34
CA MET F 31 -0.56 -18.94 -6.05
C MET F 31 0.15 -18.50 -4.77
N GLU F 40 2.39 -26.36 12.19
CA GLU F 40 1.81 -26.24 13.52
C GLU F 40 2.67 -25.35 14.41
N LYS F 41 2.05 -24.71 15.39
CA LYS F 41 2.76 -23.78 16.26
C LYS F 41 2.04 -23.70 17.60
N ILE F 42 2.83 -23.50 18.66
CA ILE F 42 2.27 -23.33 20.00
C ILE F 42 2.06 -21.85 20.27
N ALA F 43 0.93 -21.52 20.89
CA ALA F 43 0.65 -20.14 21.27
C ALA F 43 1.20 -19.84 22.66
N ILE F 44 1.94 -18.73 22.79
CA ILE F 44 2.42 -18.30 24.10
C ILE F 44 1.77 -17.01 24.50
N ARG F 45 0.71 -16.64 23.80
CA ARG F 45 0.04 -15.36 23.98
C ARG F 45 -1.25 -15.67 24.73
N ASP F 46 -2.20 -14.74 24.69
CA ASP F 46 -3.46 -14.93 25.39
C ASP F 46 -4.11 -16.25 24.97
N PHE F 47 -4.29 -17.14 25.95
CA PHE F 47 -4.79 -18.48 25.69
C PHE F 47 -6.30 -18.48 25.52
N GLN F 48 -6.75 -19.15 24.46
CA GLN F 48 -8.15 -19.37 24.13
C GLN F 48 -8.37 -20.86 23.88
N VAL F 49 -9.63 -21.29 23.98
CA VAL F 49 -9.94 -22.72 23.84
C VAL F 49 -9.51 -23.24 22.47
N GLY F 50 -8.92 -24.44 22.46
CA GLY F 50 -8.42 -25.03 21.24
C GLY F 50 -6.99 -24.70 20.88
N ASP F 51 -6.30 -23.89 21.69
CA ASP F 51 -4.92 -23.52 21.42
C ASP F 51 -3.97 -24.63 21.85
N LEU F 52 -2.86 -24.74 21.11
CA LEU F 52 -1.80 -25.69 21.43
C LEU F 52 -0.82 -25.04 22.39
N VAL F 53 -0.64 -25.66 23.56
CA VAL F 53 0.21 -25.11 24.61
C VAL F 53 1.25 -26.14 24.99
N LEU F 54 2.31 -25.66 25.64
CA LEU F 54 3.42 -26.48 26.10
C LEU F 54 3.41 -26.47 27.63
N ILE F 55 2.95 -27.54 28.24
CA ILE F 55 2.92 -27.66 29.69
C ILE F 55 4.28 -28.18 30.14
N ILE F 56 4.96 -27.42 30.99
CA ILE F 56 6.27 -27.81 31.49
C ILE F 56 6.21 -27.96 33.00
N LEU F 57 7.19 -28.69 33.53
CA LEU F 57 7.28 -28.92 34.96
C LEU F 57 7.99 -27.75 35.63
N ASP F 58 7.35 -27.21 36.66
CA ASP F 58 7.92 -26.15 37.49
C ASP F 58 8.48 -26.77 38.76
N GLU F 59 9.67 -26.31 39.15
CA GLU F 59 10.29 -26.82 40.38
C GLU F 59 9.90 -25.98 41.58
N ARG F 60 9.82 -24.65 41.41
CA ARG F 60 9.38 -23.78 42.49
C ARG F 60 7.97 -24.14 42.95
N HIS F 61 7.00 -24.07 42.03
CA HIS F 61 5.64 -24.51 42.26
C HIS F 61 5.45 -25.96 41.81
N ASP F 62 4.74 -26.74 42.62
CA ASP F 62 4.71 -28.20 42.42
C ASP F 62 3.95 -28.59 41.16
N ASN F 63 2.88 -27.87 40.83
CA ASN F 63 2.05 -28.26 39.70
C ASN F 63 2.80 -28.06 38.38
N TYR F 64 2.19 -28.54 37.30
CA TYR F 64 2.68 -28.28 35.96
C TYR F 64 2.04 -27.01 35.45
N VAL F 65 2.80 -26.22 34.69
CA VAL F 65 2.30 -24.92 34.25
C VAL F 65 2.54 -24.81 32.75
N LEU F 66 1.60 -24.17 32.05
CA LEU F 66 1.80 -23.90 30.63
C LEU F 66 2.86 -22.82 30.50
N PHE F 67 3.75 -22.96 29.50
CA PHE F 67 4.80 -21.97 29.34
C PHE F 67 4.19 -20.64 28.91
N THR F 68 4.59 -19.57 29.58
CA THR F 68 3.91 -18.31 29.37
C THR F 68 5.03 -17.27 29.45
N VAL F 69 5.00 -16.30 28.53
CA VAL F 69 6.00 -15.24 28.49
C VAL F 69 5.14 -14.00 28.70
N SER F 70 4.27 -14.10 29.70
CA SER F 70 3.20 -13.20 30.08
C SER F 70 3.08 -13.22 31.61
N PRO F 71 2.69 -12.10 32.21
CA PRO F 71 2.60 -12.05 33.68
C PRO F 71 1.67 -13.08 34.28
N THR F 72 0.58 -13.41 33.60
CA THR F 72 -0.36 -14.39 34.12
C THR F 72 0.25 -15.79 34.15
N LEU F 73 0.00 -16.50 35.25
CA LEU F 73 0.45 -17.87 35.41
C LEU F 73 -0.72 -18.80 35.09
N TYR F 74 -0.46 -19.79 34.23
CA TYR F 74 -1.46 -20.78 33.83
C TYR F 74 -1.06 -22.14 34.38
N PHE F 75 -1.78 -22.60 35.41
CA PHE F 75 -1.53 -23.91 35.99
C PHE F 75 -2.40 -24.98 35.32
N LEU F 76 -2.03 -26.24 35.51
CA LEU F 76 -2.80 -27.35 34.99
C LEU F 76 -3.81 -27.86 36.02
N HIS F 77 -4.95 -28.33 35.52
CA HIS F 77 -6.03 -28.77 36.40
C HIS F 77 -5.71 -30.12 37.02
N SER F 78 -6.18 -30.30 38.27
CA SER F 78 -5.89 -31.52 39.00
C SER F 78 -6.45 -32.76 38.31
N GLU F 79 -7.65 -32.64 37.74
CA GLU F 79 -8.24 -33.76 37.01
C GLU F 79 -7.60 -33.95 35.63
N SER F 80 -7.17 -32.85 35.00
CA SER F 80 -6.53 -32.96 33.70
C SER F 80 -5.11 -33.52 33.78
N LEU F 81 -4.48 -33.43 34.96
CA LEU F 81 -3.11 -33.94 35.09
C LEU F 81 -3.00 -35.42 34.74
N PRO F 82 -3.76 -36.34 35.35
CA PRO F 82 -3.60 -37.75 34.99
C PRO F 82 -4.09 -38.09 33.60
N ALA F 83 -4.93 -37.24 32.98
CA ALA F 83 -5.48 -37.56 31.68
C ALA F 83 -4.41 -37.61 30.60
N LEU F 84 -3.36 -36.80 30.72
CA LEU F 84 -2.28 -36.74 29.74
C LEU F 84 -1.09 -37.58 30.16
N ASP F 85 -1.33 -38.65 30.92
CA ASP F 85 -0.31 -39.59 31.37
C ASP F 85 0.82 -38.89 32.13
N LEU F 86 0.45 -37.91 32.95
CA LEU F 86 1.34 -37.28 33.92
C LEU F 86 0.85 -37.65 35.31
N LYS F 87 1.72 -38.23 36.12
CA LYS F 87 1.32 -38.71 37.44
C LYS F 87 1.65 -37.72 38.55
N ARG F 98 8.38 -36.09 34.52
CA ARG F 98 8.51 -35.73 33.12
C ARG F 98 8.77 -34.23 32.98
N PRO F 99 9.66 -33.84 32.05
CA PRO F 99 10.01 -32.42 31.91
C PRO F 99 8.96 -31.55 31.22
N TRP F 100 8.41 -32.00 30.10
CA TRP F 100 7.45 -31.18 29.36
C TRP F 100 6.59 -32.06 28.46
N VAL F 101 5.46 -31.49 28.02
CA VAL F 101 4.56 -32.15 27.08
C VAL F 101 3.75 -31.08 26.38
N LEU F 102 3.20 -31.42 25.21
CA LEU F 102 2.35 -30.52 24.45
C LEU F 102 0.91 -30.98 24.52
N GLY F 103 -0.03 -30.03 24.59
CA GLY F 103 -1.43 -30.37 24.70
C GLY F 103 -2.32 -29.33 24.04
N LYS F 104 -3.63 -29.59 24.11
CA LYS F 104 -4.64 -28.72 23.55
C LYS F 104 -5.56 -28.23 24.67
N VAL F 105 -5.71 -26.90 24.77
CA VAL F 105 -6.47 -26.29 25.85
C VAL F 105 -7.96 -26.54 25.63
N MET F 106 -8.67 -26.95 26.68
CA MET F 106 -10.10 -27.20 26.61
C MET F 106 -10.93 -26.17 27.36
N GLU F 107 -10.55 -25.82 28.59
CA GLU F 107 -11.28 -24.81 29.34
C GLU F 107 -10.31 -24.08 30.27
N LYS F 108 -10.63 -22.82 30.54
CA LYS F 108 -9.82 -21.99 31.42
C LYS F 108 -10.71 -21.35 32.49
N GLU F 109 -10.14 -21.16 33.67
CA GLU F 109 -10.85 -20.57 34.79
C GLU F 109 -9.96 -19.55 35.47
N TYR F 110 -10.50 -18.36 35.69
CA TYR F 110 -9.77 -17.28 36.36
C TYR F 110 -9.94 -17.42 37.86
N CYS F 111 -8.82 -17.55 38.58
CA CYS F 111 -8.86 -17.78 40.01
C CYS F 111 -7.97 -16.75 40.71
N GLN F 112 -8.18 -16.63 42.02
CA GLN F 112 -7.43 -15.73 42.88
C GLN F 112 -7.11 -16.47 44.16
N ALA F 113 -5.91 -16.27 44.68
CA ALA F 113 -5.46 -17.00 45.86
C ALA F 113 -6.27 -16.56 47.07
N LYS F 114 -7.23 -17.40 47.48
CA LYS F 114 -8.04 -17.11 48.65
C LYS F 114 -7.32 -17.48 49.93
N LYS F 115 -6.33 -18.37 49.84
CA LYS F 115 -5.47 -18.75 50.95
C LYS F 115 -4.05 -18.33 50.59
N ALA F 116 -3.30 -17.82 51.57
CA ALA F 116 -1.95 -17.34 51.28
C ALA F 116 -0.98 -18.47 50.97
N GLN F 117 -1.17 -19.65 51.58
CA GLN F 117 -0.30 -20.78 51.32
C GLN F 117 -0.95 -21.85 50.45
N ASN F 118 -1.48 -21.47 49.28
CA ASN F 118 -2.11 -22.44 48.42
C ASN F 118 -1.09 -23.43 47.87
N ARG F 119 -1.60 -24.57 47.38
CA ARG F 119 -0.75 -25.59 46.78
C ARG F 119 0.09 -25.04 45.64
N PHE F 120 -0.38 -23.98 44.98
CA PHE F 120 0.35 -23.35 43.88
C PHE F 120 1.55 -22.53 44.35
N LYS F 121 1.74 -22.40 45.67
CA LYS F 121 2.88 -21.68 46.25
C LYS F 121 2.93 -20.23 45.79
N VAL F 122 1.78 -19.62 45.55
CA VAL F 122 1.74 -18.21 45.15
C VAL F 122 1.43 -17.35 46.37
N PRO F 123 1.89 -16.11 46.41
CA PRO F 123 1.58 -15.23 47.54
C PRO F 123 0.09 -14.88 47.57
N LEU F 124 -0.32 -14.34 48.72
CA LEU F 124 -1.73 -14.03 48.93
C LEU F 124 -2.20 -12.93 47.98
N GLY F 125 -3.40 -13.13 47.43
CA GLY F 125 -4.01 -12.16 46.54
C GLY F 125 -3.56 -12.21 45.09
N THR F 126 -2.78 -13.20 44.70
CA THR F 126 -2.33 -13.32 43.31
C THR F 126 -3.44 -13.91 42.46
N LYS F 127 -3.70 -13.29 41.32
CA LYS F 127 -4.68 -13.78 40.35
C LYS F 127 -3.97 -14.53 39.23
N PHE F 128 -4.55 -15.66 38.82
CA PHE F 128 -3.95 -16.51 37.79
C PHE F 128 -5.06 -17.26 37.08
N TYR F 129 -4.68 -18.09 36.09
CA TYR F 129 -5.62 -18.98 35.43
C TYR F 129 -5.25 -20.43 35.67
N ARG F 130 -6.27 -21.28 35.72
CA ARG F 130 -6.13 -22.73 35.76
C ARG F 130 -6.80 -23.31 34.52
N VAL F 131 -6.07 -24.13 33.77
CA VAL F 131 -6.53 -24.67 32.50
C VAL F 131 -6.72 -26.17 32.63
N LYS F 132 -7.89 -26.65 32.22
CA LYS F 132 -8.14 -28.06 32.01
C LYS F 132 -7.91 -28.35 30.52
N ALA F 133 -6.93 -29.21 30.24
CA ALA F 133 -6.58 -29.56 28.87
C ALA F 133 -6.36 -31.07 28.78
N VAL F 134 -6.51 -31.60 27.57
CA VAL F 134 -6.34 -33.03 27.35
C VAL F 134 -5.33 -33.25 26.22
N SER F 135 -4.60 -34.35 26.32
CA SER F 135 -3.67 -34.77 25.28
C SER F 135 -4.44 -35.10 24.00
N TRP F 136 -3.72 -35.12 22.88
CA TRP F 136 -4.32 -35.35 21.57
C TRP F 136 -3.70 -36.58 20.92
N ASN F 137 -4.42 -37.69 20.96
CA ASN F 137 -4.00 -38.94 20.33
C ASN F 137 -5.24 -39.73 19.94
N LYS F 138 -5.03 -40.85 19.26
CA LYS F 138 -6.13 -41.71 18.85
C LYS F 138 -5.71 -43.17 18.96
N LYS F 139 -6.69 -44.05 18.82
CA LYS F 139 -6.48 -45.50 18.91
C LYS F 139 -5.85 -45.88 20.23
#